data_4W7I
#
_entry.id   4W7I
#
_cell.length_a   71.215
_cell.length_b   178.152
_cell.length_c   96.013
_cell.angle_alpha   90.00
_cell.angle_beta   111.76
_cell.angle_gamma   90.00
#
_symmetry.space_group_name_H-M   'C 1 2 1'
#
loop_
_entity.id
_entity.type
_entity.pdbx_description
1 polymer "4-deoxy-L-erythro-5-hexoseulose uronate reductase A1-R'"
2 water water
#
_entity_poly.entity_id   1
_entity_poly.type   'polypeptide(L)'
_entity_poly.pdbx_seq_one_letter_code
;MFSDLKGKRILITGSSQGIGMATAIELARYGAVVGLHGRKAPADPALLLGKLREAGGDGAFFRADITKTAECQRLVSAFV
ERFDGIDVLINNAGGLAGRSNLENIDDAFYDRVMDLNGRSVLMMTKFAIPHLRASAKASGTTSAVISTGSIAAREGGGIG
AGVYAASKAWLHDIHRNWVKEFTKDSIRFNIVAPGTVDTAFHADKSDELKTRIANSIPMGRFGTVQELAPAYVFFASHAA
SGYITGQILDVNGGQICP
;
_entity_poly.pdbx_strand_id   A,B,C,D
#
# COMPACT_ATOMS: atom_id res chain seq x y z
N PHE A 2 51.74 13.08 -14.26
CA PHE A 2 50.78 13.56 -15.31
C PHE A 2 51.29 13.54 -16.74
N SER A 3 52.52 13.07 -16.97
CA SER A 3 53.02 12.91 -18.34
C SER A 3 52.13 12.00 -19.21
N ASP A 4 51.29 11.15 -18.57
CA ASP A 4 50.29 10.35 -19.28
C ASP A 4 49.24 11.16 -20.00
N LEU A 5 49.14 12.46 -19.71
CA LEU A 5 48.17 13.32 -20.37
C LEU A 5 48.53 13.75 -21.81
N LYS A 6 49.78 13.56 -22.20
CA LYS A 6 50.24 13.98 -23.52
C LYS A 6 49.43 13.33 -24.60
N GLY A 7 48.81 14.13 -25.46
CA GLY A 7 48.03 13.60 -26.57
C GLY A 7 46.62 13.20 -26.19
N LYS A 8 46.24 13.30 -24.91
CA LYS A 8 44.91 12.84 -24.47
C LYS A 8 43.90 13.82 -24.92
N ARG A 9 42.73 13.33 -25.32
CA ARG A 9 41.72 14.14 -25.95
C ARG A 9 40.62 14.41 -24.97
N ILE A 10 40.44 15.69 -24.65
CA ILE A 10 39.66 16.11 -23.50
C ILE A 10 38.69 17.20 -23.88
N LEU A 11 37.42 16.85 -23.78
CA LEU A 11 36.38 17.74 -24.16
C LEU A 11 35.91 18.32 -22.90
N ILE A 12 35.92 19.65 -22.83
CA ILE A 12 35.55 20.40 -21.65
C ILE A 12 34.43 21.37 -21.95
N THR A 13 33.26 21.15 -21.34
CA THR A 13 32.14 22.02 -21.57
C THR A 13 32.28 23.27 -20.73
N GLY A 14 31.68 24.35 -21.21
CA GLY A 14 31.77 25.65 -20.59
C GLY A 14 33.19 26.10 -20.32
N SER A 15 34.08 25.90 -21.30
CA SER A 15 35.51 26.08 -21.08
C SER A 15 36.05 27.36 -21.70
N SER A 16 35.16 28.23 -22.19
CA SER A 16 35.59 29.46 -22.84
C SER A 16 36.06 30.47 -21.81
N GLN A 17 35.80 30.20 -20.54
CA GLN A 17 36.13 31.14 -19.48
C GLN A 17 36.17 30.43 -18.14
N GLY A 18 36.60 31.13 -17.10
CA GLY A 18 36.61 30.59 -15.74
C GLY A 18 37.29 29.24 -15.54
N ILE A 19 36.71 28.42 -14.68
CA ILE A 19 37.33 27.18 -14.22
C ILE A 19 37.66 26.27 -15.38
N GLY A 20 36.76 26.25 -16.36
CA GLY A 20 36.92 25.43 -17.55
C GLY A 20 38.13 25.83 -18.37
N MET A 21 38.30 27.13 -18.55
CA MET A 21 39.45 27.63 -19.34
C MET A 21 40.74 27.42 -18.53
N ALA A 22 40.72 27.69 -17.24
CA ALA A 22 41.91 27.47 -16.44
C ALA A 22 42.38 26.02 -16.49
N THR A 23 41.43 25.10 -16.39
CA THR A 23 41.68 23.69 -16.52
C THR A 23 42.19 23.30 -17.89
N ALA A 24 41.60 23.88 -18.93
CA ALA A 24 42.05 23.61 -20.27
C ALA A 24 43.55 23.93 -20.40
N ILE A 25 43.95 25.09 -19.87
CA ILE A 25 45.31 25.57 -20.03
C ILE A 25 46.25 24.67 -19.24
N GLU A 26 45.86 24.36 -18.02
CA GLU A 26 46.65 23.48 -17.17
C GLU A 26 46.82 22.09 -17.78
N LEU A 27 45.76 21.55 -18.39
CA LEU A 27 45.89 20.26 -19.10
C LEU A 27 46.82 20.38 -20.33
N ALA A 28 46.77 21.54 -20.99
CA ALA A 28 47.58 21.82 -22.14
C ALA A 28 49.07 21.85 -21.80
N ARG A 29 49.40 22.11 -20.54
CA ARG A 29 50.79 22.11 -20.12
C ARG A 29 51.38 20.72 -20.18
N TYR A 30 50.54 19.69 -20.03
CA TYR A 30 50.97 18.28 -20.18
C TYR A 30 50.84 17.72 -21.58
N GLY A 31 50.46 18.57 -22.54
CA GLY A 31 50.34 18.16 -23.92
C GLY A 31 49.00 17.54 -24.30
N ALA A 32 47.95 17.82 -23.54
CA ALA A 32 46.65 17.30 -23.88
C ALA A 32 46.13 18.02 -25.13
N VAL A 33 45.21 17.38 -25.84
CA VAL A 33 44.43 18.02 -26.87
C VAL A 33 43.03 18.29 -26.36
N VAL A 34 42.64 19.55 -26.33
CA VAL A 34 41.46 19.95 -25.58
C VAL A 34 40.41 20.56 -26.50
N GLY A 35 39.17 20.08 -26.36
CA GLY A 35 38.03 20.68 -27.00
C GLY A 35 37.43 21.71 -26.09
N LEU A 36 37.51 22.97 -26.52
CA LEU A 36 36.99 24.06 -25.79
C LEU A 36 35.61 24.29 -26.32
N HIS A 37 34.74 24.82 -25.48
CA HIS A 37 33.35 24.93 -25.85
C HIS A 37 32.75 26.11 -25.14
N GLY A 38 31.86 26.81 -25.84
CA GLY A 38 31.16 27.99 -25.34
C GLY A 38 29.66 27.95 -25.63
N ARG A 39 28.88 28.52 -24.73
CA ARG A 39 27.42 28.47 -24.85
C ARG A 39 26.92 29.70 -25.56
N LYS A 40 27.18 30.85 -24.98
CA LYS A 40 26.62 32.11 -25.45
C LYS A 40 27.53 33.27 -25.01
N ALA A 41 28.25 33.11 -23.91
CA ALA A 41 29.24 34.07 -23.48
C ALA A 41 30.10 34.47 -24.69
N PRO A 42 30.33 35.77 -24.85
CA PRO A 42 31.23 36.24 -25.90
C PRO A 42 32.60 35.61 -25.69
N ALA A 43 33.39 35.43 -26.74
CA ALA A 43 34.68 34.74 -26.59
C ALA A 43 35.60 34.97 -27.79
N ASP A 44 36.86 34.59 -27.63
CA ASP A 44 37.86 34.77 -28.69
C ASP A 44 38.61 33.46 -28.95
N PRO A 45 38.12 32.68 -29.91
CA PRO A 45 38.68 31.35 -30.04
C PRO A 45 40.16 31.35 -30.34
N ALA A 46 40.59 32.24 -31.23
CA ALA A 46 42.00 32.35 -31.60
C ALA A 46 42.86 32.59 -30.35
N LEU A 47 42.42 33.53 -29.48
CA LEU A 47 43.15 33.82 -28.25
C LEU A 47 43.22 32.64 -27.31
N LEU A 48 42.05 32.05 -27.07
CA LEU A 48 41.93 30.90 -26.20
C LEU A 48 42.75 29.73 -26.73
N LEU A 49 42.66 29.43 -28.03
CA LEU A 49 43.41 28.26 -28.54
C LEU A 49 44.93 28.60 -28.56
N GLY A 50 45.25 29.88 -28.74
CA GLY A 50 46.62 30.34 -28.61
C GLY A 50 47.26 30.10 -27.26
N LYS A 51 46.51 30.30 -26.17
CA LYS A 51 47.02 30.00 -24.86
C LYS A 51 47.26 28.50 -24.76
N LEU A 52 46.33 27.68 -25.23
CA LEU A 52 46.56 26.24 -25.13
C LEU A 52 47.86 25.90 -25.85
N ARG A 53 48.00 26.36 -27.09
CA ARG A 53 49.19 26.02 -27.91
C ARG A 53 50.48 26.57 -27.29
N GLU A 54 50.47 27.83 -26.88
CA GLU A 54 51.58 28.41 -26.14
C GLU A 54 51.86 27.71 -24.79
N ALA A 55 50.87 27.06 -24.22
CA ALA A 55 51.09 26.24 -23.02
C ALA A 55 51.74 24.88 -23.32
N GLY A 56 51.70 24.42 -24.57
CA GLY A 56 52.31 23.13 -24.94
C GLY A 56 51.29 22.13 -25.46
N GLY A 57 50.05 22.56 -25.64
CA GLY A 57 48.98 21.63 -26.03
C GLY A 57 48.43 21.98 -27.39
N ASP A 58 47.19 21.56 -27.62
CA ASP A 58 46.47 21.88 -28.85
C ASP A 58 44.98 21.76 -28.53
N GLY A 59 44.13 22.05 -29.49
CA GLY A 59 42.70 21.86 -29.29
C GLY A 59 41.88 22.53 -30.37
N ALA A 60 40.58 22.65 -30.12
CA ALA A 60 39.70 23.43 -30.97
C ALA A 60 38.58 24.03 -30.15
N PHE A 61 37.86 24.92 -30.80
CA PHE A 61 36.74 25.58 -30.20
C PHE A 61 35.42 25.20 -30.86
N PHE A 62 34.39 25.08 -30.03
CA PHE A 62 33.11 24.52 -30.44
C PHE A 62 32.03 25.33 -29.78
N ARG A 63 30.93 25.56 -30.45
CA ARG A 63 29.87 26.35 -29.85
C ARG A 63 28.57 25.56 -29.79
N ALA A 64 27.84 25.67 -28.67
CA ALA A 64 26.61 24.91 -28.45
C ALA A 64 25.83 25.39 -27.23
N ASP A 65 24.51 25.53 -27.39
CA ASP A 65 23.63 25.85 -26.27
C ASP A 65 23.07 24.56 -25.69
N ILE A 66 23.99 23.73 -25.17
CA ILE A 66 23.72 22.39 -24.63
C ILE A 66 22.69 22.28 -23.48
N THR A 67 22.03 23.39 -23.13
CA THR A 67 20.72 23.32 -22.47
C THR A 67 19.75 22.42 -23.25
N LYS A 68 19.94 22.31 -24.58
CA LYS A 68 19.16 21.36 -25.43
C LYS A 68 19.91 20.07 -25.72
N THR A 69 19.22 18.94 -25.75
CA THR A 69 19.84 17.63 -26.03
C THR A 69 20.50 17.57 -27.38
N ALA A 70 19.86 18.16 -28.40
CA ALA A 70 20.38 18.14 -29.78
C ALA A 70 21.78 18.80 -29.80
N GLU A 71 21.79 20.06 -29.34
CA GLU A 71 23.01 20.80 -29.09
C GLU A 71 24.11 19.96 -28.41
N CYS A 72 23.73 19.14 -27.39
CA CYS A 72 24.67 18.20 -26.72
C CYS A 72 25.17 17.08 -27.66
N GLN A 73 24.36 16.56 -28.57
CA GLN A 73 24.89 15.52 -29.47
C GLN A 73 25.68 16.16 -30.61
N ARG A 74 25.36 17.43 -30.86
CA ARG A 74 26.06 18.19 -31.87
C ARG A 74 27.50 18.34 -31.37
N LEU A 75 27.64 18.94 -30.17
CA LEU A 75 28.95 19.16 -29.54
C LEU A 75 29.79 17.91 -29.56
N VAL A 76 29.24 16.81 -29.06
CA VAL A 76 30.02 15.58 -28.95
C VAL A 76 30.45 15.12 -30.32
N SER A 77 29.59 15.33 -31.31
CA SER A 77 29.88 14.89 -32.69
C SER A 77 31.06 15.62 -33.29
N ALA A 78 30.98 16.95 -33.25
CA ALA A 78 32.06 17.79 -33.73
C ALA A 78 33.39 17.40 -33.09
N PHE A 79 33.42 17.25 -31.76
CA PHE A 79 34.67 16.87 -31.08
C PHE A 79 35.22 15.61 -31.67
N VAL A 80 34.30 14.68 -31.92
CA VAL A 80 34.70 13.32 -32.28
C VAL A 80 35.16 13.29 -33.74
N GLU A 81 34.47 14.02 -34.61
CA GLU A 81 34.95 14.12 -36.00
C GLU A 81 36.38 14.68 -35.94
N ARG A 82 36.53 15.80 -35.25
CA ARG A 82 37.78 16.54 -35.22
C ARG A 82 38.98 15.79 -34.63
N PHE A 83 38.79 15.04 -33.55
CA PHE A 83 39.92 14.33 -32.95
C PHE A 83 39.79 12.82 -32.92
N ASP A 84 38.71 12.29 -33.49
CA ASP A 84 38.55 10.84 -33.67
C ASP A 84 38.40 10.14 -32.30
N GLY A 85 37.58 10.69 -31.41
CA GLY A 85 37.36 10.09 -30.06
C GLY A 85 37.62 10.99 -28.85
N ILE A 86 37.28 10.45 -27.66
CA ILE A 86 37.36 11.16 -26.36
C ILE A 86 38.05 10.27 -25.31
N ASP A 87 39.08 10.80 -24.65
CA ASP A 87 39.68 10.15 -23.49
C ASP A 87 39.13 10.67 -22.15
N VAL A 88 38.72 11.93 -22.12
CA VAL A 88 38.22 12.51 -20.89
C VAL A 88 37.13 13.50 -21.21
N LEU A 89 36.00 13.38 -20.51
CA LEU A 89 34.95 14.34 -20.65
C LEU A 89 34.91 15.13 -19.38
N ILE A 90 34.94 16.45 -19.50
CA ILE A 90 34.82 17.28 -18.34
C ILE A 90 33.54 18.07 -18.46
N ASN A 91 32.52 17.69 -17.67
CA ASN A 91 31.27 18.38 -17.64
C ASN A 91 31.40 19.58 -16.76
N ASN A 92 31.76 20.71 -17.34
CA ASN A 92 31.88 21.91 -16.52
C ASN A 92 30.79 22.97 -16.73
N ALA A 93 30.00 22.85 -17.79
CA ALA A 93 28.93 23.84 -18.07
C ALA A 93 27.82 23.80 -17.03
N GLY A 94 27.31 24.97 -16.66
CA GLY A 94 26.26 25.08 -15.66
C GLY A 94 26.10 26.50 -15.17
N GLY A 95 25.48 26.67 -14.00
CA GLY A 95 25.39 27.98 -13.38
C GLY A 95 23.99 28.35 -12.99
N LEU A 96 23.89 29.48 -12.31
CA LEU A 96 22.68 29.96 -11.62
C LEU A 96 21.44 30.19 -12.47
N ALA A 97 21.62 30.63 -13.72
CA ALA A 97 20.49 31.06 -14.56
C ALA A 97 19.58 32.05 -13.81
N GLY A 98 20.21 32.92 -13.01
CA GLY A 98 19.49 33.85 -12.13
C GLY A 98 18.85 33.20 -10.90
N ARG A 99 18.44 34.05 -9.97
CA ARG A 99 17.93 33.66 -8.68
C ARG A 99 16.42 33.86 -8.59
N SER A 100 15.70 32.83 -8.13
CA SER A 100 14.32 33.04 -7.66
C SER A 100 13.97 32.35 -6.36
N ASN A 101 13.32 33.10 -5.49
CA ASN A 101 12.59 32.54 -4.37
C ASN A 101 11.65 31.45 -4.85
N LEU A 102 11.37 30.51 -3.97
CA LEU A 102 10.55 29.37 -4.33
C LEU A 102 9.19 29.81 -4.87
N GLU A 103 8.58 30.79 -4.23
CA GLU A 103 7.24 31.18 -4.61
C GLU A 103 7.16 31.88 -5.99
N ASN A 104 8.30 32.33 -6.53
CA ASN A 104 8.33 32.92 -7.87
C ASN A 104 8.89 31.99 -8.92
N ILE A 105 9.21 30.77 -8.53
CA ILE A 105 9.67 29.78 -9.51
C ILE A 105 8.51 29.28 -10.36
N ASP A 106 8.67 29.30 -11.67
CA ASP A 106 7.69 28.74 -12.59
C ASP A 106 8.35 27.63 -13.37
N ASP A 107 7.60 27.02 -14.28
CA ASP A 107 8.15 25.96 -15.13
C ASP A 107 9.38 26.42 -15.94
N ALA A 108 9.30 27.62 -16.52
CA ALA A 108 10.39 28.13 -17.38
C ALA A 108 11.73 28.04 -16.64
N PHE A 109 11.77 28.71 -15.49
CA PHE A 109 12.92 28.81 -14.59
C PHE A 109 13.44 27.45 -14.14
N TYR A 110 12.54 26.64 -13.58
CA TYR A 110 12.89 25.30 -13.14
C TYR A 110 13.53 24.60 -14.29
N ASP A 111 12.93 24.72 -15.47
CA ASP A 111 13.43 23.99 -16.64
C ASP A 111 14.73 24.57 -17.19
N ARG A 112 14.93 25.87 -17.03
CA ARG A 112 16.16 26.50 -17.52
C ARG A 112 17.34 26.01 -16.69
N VAL A 113 17.14 26.03 -15.37
CA VAL A 113 18.14 25.53 -14.46
C VAL A 113 18.50 24.06 -14.72
N MET A 114 17.51 23.16 -14.79
CA MET A 114 17.81 21.73 -14.95
C MET A 114 18.28 21.30 -16.32
N ASP A 115 17.92 22.10 -17.30
CA ASP A 115 18.47 21.94 -18.61
C ASP A 115 19.95 22.29 -18.58
N LEU A 116 20.27 23.40 -17.94
CA LEU A 116 21.65 23.89 -17.93
C LEU A 116 22.54 22.95 -17.08
N ASN A 117 22.01 22.54 -15.93
CA ASN A 117 22.79 21.75 -14.99
C ASN A 117 22.57 20.25 -15.04
N GLY A 118 21.35 19.79 -15.29
CA GLY A 118 21.07 18.34 -15.32
C GLY A 118 21.07 17.64 -16.66
N ARG A 119 20.10 18.00 -17.50
CA ARG A 119 20.02 17.47 -18.86
C ARG A 119 21.34 17.58 -19.60
N SER A 120 21.95 18.76 -19.58
CA SER A 120 23.24 18.92 -20.29
C SER A 120 24.22 17.81 -19.92
N VAL A 121 24.42 17.63 -18.62
CA VAL A 121 25.38 16.64 -18.13
C VAL A 121 24.96 15.20 -18.46
N LEU A 122 23.67 14.92 -18.28
CA LEU A 122 23.17 13.57 -18.60
C LEU A 122 23.46 13.21 -20.07
N MET A 123 23.10 14.14 -20.94
CA MET A 123 23.21 13.89 -22.39
C MET A 123 24.67 14.01 -22.85
N MET A 124 25.35 15.10 -22.46
CA MET A 124 26.80 15.20 -22.75
C MET A 124 27.49 13.87 -22.45
N THR A 125 27.23 13.31 -21.25
CA THR A 125 27.89 12.07 -20.82
C THR A 125 27.39 10.83 -21.54
N LYS A 126 26.08 10.76 -21.75
CA LYS A 126 25.48 9.63 -22.46
C LYS A 126 26.13 9.40 -23.83
N PHE A 127 26.20 10.45 -24.62
CA PHE A 127 26.77 10.34 -25.97
C PHE A 127 28.26 10.01 -25.99
N ALA A 128 28.99 10.43 -24.95
CA ALA A 128 30.45 10.16 -24.88
C ALA A 128 30.76 8.71 -24.57
N ILE A 129 29.86 8.08 -23.82
CA ILE A 129 30.16 6.78 -23.26
C ILE A 129 30.76 5.77 -24.20
N PRO A 130 30.15 5.60 -25.41
CA PRO A 130 30.72 4.56 -26.27
C PRO A 130 32.15 4.91 -26.70
N HIS A 131 32.43 6.19 -26.87
CA HIS A 131 33.80 6.63 -27.23
C HIS A 131 34.74 6.51 -26.01
N LEU A 132 34.25 6.91 -24.83
CA LEU A 132 35.01 6.69 -23.58
C LEU A 132 35.35 5.21 -23.40
N ARG A 133 34.36 4.35 -23.67
CA ARG A 133 34.54 2.91 -23.61
C ARG A 133 35.60 2.43 -24.58
N ALA A 134 35.44 2.88 -25.81
CA ALA A 134 36.41 2.50 -26.86
C ALA A 134 37.81 2.86 -26.41
N SER A 135 38.03 4.08 -25.95
CA SER A 135 39.41 4.51 -25.66
C SER A 135 40.05 3.77 -24.49
N ALA A 136 39.29 3.44 -23.44
CA ALA A 136 39.84 2.60 -22.35
C ALA A 136 40.20 1.22 -22.86
N LYS A 137 39.35 0.68 -23.74
CA LYS A 137 39.59 -0.61 -24.34
C LYS A 137 40.89 -0.61 -25.18
N ALA A 138 41.11 0.45 -25.95
CA ALA A 138 42.37 0.60 -26.72
C ALA A 138 43.63 0.79 -25.87
N SER A 139 43.54 1.62 -24.83
CA SER A 139 44.71 1.92 -23.97
C SER A 139 44.94 0.83 -22.95
N GLY A 140 43.86 0.16 -22.53
CA GLY A 140 43.94 -0.86 -21.48
C GLY A 140 44.19 -0.21 -20.12
N THR A 141 43.65 0.98 -19.91
CA THR A 141 43.80 1.72 -18.67
C THR A 141 42.41 2.13 -18.25
N THR A 142 42.20 3.41 -18.01
CA THR A 142 40.85 3.91 -17.81
C THR A 142 40.71 5.16 -18.62
N SER A 143 39.50 5.45 -19.05
CA SER A 143 39.12 6.75 -19.50
C SER A 143 38.34 7.36 -18.32
N ALA A 144 38.01 8.65 -18.44
CA ALA A 144 37.49 9.43 -17.30
C ALA A 144 36.41 10.42 -17.64
N VAL A 145 35.48 10.57 -16.70
CA VAL A 145 34.57 11.68 -16.67
C VAL A 145 34.84 12.46 -15.37
N ILE A 146 34.80 13.76 -15.47
CA ILE A 146 34.96 14.63 -14.33
C ILE A 146 33.92 15.69 -14.53
N SER A 147 33.12 15.96 -13.50
CA SER A 147 32.15 17.01 -13.54
C SER A 147 32.42 18.03 -12.44
N THR A 148 31.93 19.22 -12.69
CA THR A 148 32.00 20.30 -11.74
C THR A 148 30.75 20.20 -10.91
N GLY A 149 30.95 19.93 -9.63
CA GLY A 149 29.89 19.90 -8.64
C GLY A 149 29.90 21.23 -7.94
N SER A 150 29.49 21.25 -6.68
CA SER A 150 29.43 22.47 -5.93
C SER A 150 29.29 22.20 -4.45
N ILE A 151 29.88 23.08 -3.65
CA ILE A 151 29.54 23.17 -2.24
C ILE A 151 27.99 23.18 -2.08
N ALA A 152 27.28 23.85 -2.99
CA ALA A 152 25.82 23.99 -2.84
C ALA A 152 25.09 22.65 -2.94
N ALA A 153 25.73 21.68 -3.56
CA ALA A 153 25.24 20.30 -3.57
C ALA A 153 25.09 19.72 -2.16
N ARG A 154 25.90 20.20 -1.21
CA ARG A 154 25.92 19.62 0.13
C ARG A 154 25.07 20.37 1.14
N GLU A 155 25.02 21.70 1.03
CA GLU A 155 24.41 22.50 2.10
C GLU A 155 23.32 23.44 1.62
N GLY A 156 22.77 23.21 0.43
CA GLY A 156 21.57 23.93 -0.02
C GLY A 156 21.72 25.17 -0.88
N GLY A 157 22.91 25.74 -0.92
CA GLY A 157 23.15 26.94 -1.69
C GLY A 157 22.50 28.14 -1.04
N GLY A 158 22.56 29.28 -1.71
CA GLY A 158 22.01 30.51 -1.16
C GLY A 158 20.53 30.64 -1.49
N ILE A 159 19.90 31.62 -0.84
CA ILE A 159 18.50 31.91 -1.08
C ILE A 159 18.32 32.32 -2.55
N GLY A 160 17.41 31.66 -3.24
CA GLY A 160 17.17 31.95 -4.66
C GLY A 160 17.87 30.99 -5.58
N ALA A 161 18.86 30.27 -5.04
CA ALA A 161 19.64 29.30 -5.83
C ALA A 161 19.26 27.86 -5.53
N GLY A 162 18.08 27.66 -4.94
CA GLY A 162 17.66 26.32 -4.54
C GLY A 162 17.67 25.25 -5.62
N VAL A 163 17.17 25.56 -6.81
CA VAL A 163 17.12 24.55 -7.86
C VAL A 163 18.52 24.25 -8.43
N TYR A 164 19.36 25.27 -8.49
CA TYR A 164 20.76 25.12 -8.89
C TYR A 164 21.47 24.18 -7.88
N ALA A 165 21.36 24.51 -6.61
CA ALA A 165 21.96 23.72 -5.54
C ALA A 165 21.56 22.25 -5.69
N ALA A 166 20.27 22.01 -5.81
CA ALA A 166 19.74 20.65 -6.02
C ALA A 166 20.27 19.97 -7.24
N SER A 167 20.40 20.70 -8.35
CA SER A 167 20.93 20.11 -9.57
C SER A 167 22.36 19.60 -9.39
N LYS A 168 23.12 20.26 -8.56
CA LYS A 168 24.47 19.76 -8.21
C LYS A 168 24.47 18.52 -7.32
N ALA A 169 23.53 18.43 -6.38
CA ALA A 169 23.32 17.20 -5.67
C ALA A 169 22.88 16.08 -6.60
N TRP A 170 21.99 16.40 -7.54
CA TRP A 170 21.59 15.50 -8.59
C TRP A 170 22.84 14.92 -9.28
N LEU A 171 23.76 15.81 -9.67
CA LEU A 171 24.99 15.41 -10.34
C LEU A 171 25.87 14.58 -9.42
N HIS A 172 26.06 15.02 -8.18
CA HIS A 172 26.93 14.25 -7.28
C HIS A 172 26.45 12.82 -7.18
N ASP A 173 25.11 12.63 -7.13
CA ASP A 173 24.57 11.27 -6.96
C ASP A 173 24.50 10.45 -8.25
N ILE A 174 24.19 11.08 -9.40
CA ILE A 174 24.18 10.31 -10.64
C ILE A 174 25.56 9.72 -10.97
N HIS A 175 26.63 10.44 -10.63
CA HIS A 175 27.95 9.85 -10.74
C HIS A 175 28.07 8.51 -10.03
N ARG A 176 27.50 8.43 -8.83
CA ARG A 176 27.52 7.21 -8.06
C ARG A 176 26.84 6.10 -8.83
N ASN A 177 25.75 6.45 -9.51
CA ASN A 177 25.02 5.48 -10.33
C ASN A 177 25.92 5.06 -11.49
N TRP A 178 26.49 6.05 -12.16
CA TRP A 178 27.34 5.71 -13.29
C TRP A 178 28.52 4.85 -12.89
N VAL A 179 29.02 4.95 -11.65
CA VAL A 179 30.08 4.02 -11.21
C VAL A 179 29.63 2.54 -11.25
N LYS A 180 28.37 2.32 -10.91
CA LYS A 180 27.81 0.98 -10.95
C LYS A 180 27.62 0.48 -12.38
N GLU A 181 27.09 1.31 -13.28
CA GLU A 181 26.85 0.87 -14.66
C GLU A 181 28.17 0.69 -15.40
N PHE A 182 29.07 1.66 -15.26
CA PHE A 182 30.20 1.77 -16.19
C PHE A 182 31.59 1.45 -15.72
N THR A 183 31.80 1.05 -14.45
CA THR A 183 33.15 0.65 -14.02
C THR A 183 33.64 -0.55 -14.82
N LYS A 184 32.71 -1.41 -15.22
CA LYS A 184 33.13 -2.60 -15.98
C LYS A 184 33.64 -2.21 -17.36
N ASP A 185 33.25 -1.03 -17.85
CA ASP A 185 33.82 -0.40 -19.06
C ASP A 185 35.14 0.37 -18.82
N SER A 186 35.64 0.37 -17.57
CA SER A 186 36.92 0.99 -17.26
C SER A 186 36.86 2.46 -17.46
N ILE A 187 35.72 3.03 -17.13
CA ILE A 187 35.55 4.45 -17.18
C ILE A 187 35.37 4.90 -15.77
N ARG A 188 36.11 5.94 -15.36
CA ARG A 188 36.02 6.52 -14.01
C ARG A 188 35.17 7.78 -14.01
N PHE A 189 34.66 8.12 -12.84
CA PHE A 189 33.78 9.27 -12.66
C PHE A 189 34.16 9.95 -11.36
N ASN A 190 34.42 11.24 -11.42
CA ASN A 190 34.80 11.95 -10.23
C ASN A 190 34.41 13.37 -10.39
N ILE A 191 34.31 14.05 -9.26
CA ILE A 191 33.83 15.40 -9.20
C ILE A 191 34.78 16.33 -8.50
N VAL A 192 34.82 17.58 -8.99
CA VAL A 192 35.44 18.68 -8.30
C VAL A 192 34.35 19.64 -7.90
N ALA A 193 34.34 19.96 -6.61
CA ALA A 193 33.29 20.77 -6.00
C ALA A 193 33.85 22.08 -5.47
N PRO A 194 33.84 23.10 -6.32
CA PRO A 194 34.30 24.42 -5.88
C PRO A 194 33.42 24.96 -4.79
N GLY A 195 34.00 25.79 -3.93
CA GLY A 195 33.24 26.59 -2.99
C GLY A 195 32.99 27.93 -3.63
N THR A 196 33.46 28.98 -2.99
CA THR A 196 33.36 30.31 -3.53
C THR A 196 34.64 30.59 -4.30
N VAL A 197 34.46 31.05 -5.54
CA VAL A 197 35.54 31.28 -6.51
C VAL A 197 35.34 32.62 -7.21
N ASP A 198 36.37 33.45 -7.25
CA ASP A 198 36.29 34.71 -7.99
C ASP A 198 37.34 34.77 -9.08
N LYS A 210 29.75 39.88 0.44
CA LYS A 210 30.97 39.23 -0.06
C LYS A 210 31.98 39.03 1.06
N THR A 211 32.38 40.14 1.70
CA THR A 211 33.30 40.07 2.84
C THR A 211 32.66 39.39 4.07
N ARG A 212 31.34 39.18 4.02
CA ARG A 212 30.68 38.30 4.99
C ARG A 212 30.92 36.85 4.61
N ILE A 213 30.74 36.52 3.34
CA ILE A 213 30.94 35.14 2.87
C ILE A 213 32.38 34.70 3.11
N ALA A 214 33.33 35.64 3.03
CA ALA A 214 34.72 35.36 3.33
C ALA A 214 34.91 34.90 4.78
N ASN A 215 34.27 35.59 5.71
CA ASN A 215 34.30 35.22 7.13
C ASN A 215 34.01 33.76 7.38
N SER A 216 33.13 33.20 6.57
CA SER A 216 32.79 31.79 6.68
C SER A 216 33.85 30.87 6.04
N ILE A 217 34.91 31.41 5.46
CA ILE A 217 35.96 30.57 4.85
C ILE A 217 37.20 30.62 5.73
N PRO A 218 37.60 29.49 6.34
CA PRO A 218 38.82 29.42 7.13
C PRO A 218 40.01 30.11 6.47
N MET A 219 40.26 29.88 5.17
CA MET A 219 41.32 30.62 4.49
C MET A 219 41.03 32.10 4.20
N GLY A 220 39.83 32.57 4.54
CA GLY A 220 39.53 34.00 4.53
C GLY A 220 39.41 34.70 3.18
N ARG A 221 39.34 33.94 2.09
CA ARG A 221 39.25 34.53 0.76
C ARG A 221 38.58 33.58 -0.21
N PHE A 222 38.12 34.12 -1.34
CA PHE A 222 37.59 33.29 -2.43
C PHE A 222 38.73 32.56 -3.19
N GLY A 223 38.40 31.46 -3.85
CA GLY A 223 39.42 30.74 -4.64
C GLY A 223 39.67 31.46 -5.96
N THR A 224 40.84 31.24 -6.57
CA THR A 224 41.00 31.65 -7.96
C THR A 224 40.81 30.44 -8.90
N VAL A 225 40.52 30.69 -10.17
CA VAL A 225 40.37 29.58 -11.09
C VAL A 225 41.65 28.74 -11.20
N GLN A 226 42.82 29.37 -11.00
CA GLN A 226 44.11 28.65 -11.07
C GLN A 226 44.22 27.58 -10.00
N GLU A 227 43.59 27.85 -8.86
CA GLU A 227 43.61 26.95 -7.74
C GLU A 227 42.65 25.79 -7.90
N LEU A 228 41.69 25.91 -8.82
CA LEU A 228 40.77 24.84 -9.07
C LEU A 228 41.28 23.83 -10.10
N ALA A 229 41.99 24.30 -11.13
CA ALA A 229 42.43 23.42 -12.21
C ALA A 229 43.22 22.17 -11.80
N PRO A 230 44.11 22.26 -10.78
CA PRO A 230 44.91 21.03 -10.57
C PRO A 230 44.14 19.77 -10.17
N ALA A 231 43.01 19.97 -9.50
CA ALA A 231 42.19 18.86 -9.07
C ALA A 231 41.63 18.15 -10.29
N TYR A 232 41.35 18.88 -11.36
CA TYR A 232 40.85 18.26 -12.57
C TYR A 232 41.92 17.48 -13.26
N VAL A 233 43.13 18.06 -13.32
CA VAL A 233 44.25 17.34 -13.89
C VAL A 233 44.45 16.02 -13.20
N PHE A 234 44.33 16.05 -11.87
CA PHE A 234 44.54 14.89 -11.03
C PHE A 234 43.56 13.81 -11.39
N PHE A 235 42.28 14.16 -11.41
CA PHE A 235 41.21 13.22 -11.79
C PHE A 235 41.30 12.79 -13.25
N ALA A 236 41.87 13.65 -14.10
CA ALA A 236 42.04 13.31 -15.51
C ALA A 236 43.07 12.23 -15.77
N SER A 237 44.05 12.06 -14.88
CA SER A 237 45.21 11.21 -15.13
C SER A 237 45.09 9.81 -14.52
N HIS A 238 45.13 8.79 -15.37
CA HIS A 238 45.05 7.42 -14.93
C HIS A 238 46.24 7.12 -14.03
N ALA A 239 47.38 7.71 -14.34
CA ALA A 239 48.56 7.48 -13.55
C ALA A 239 48.36 7.90 -12.10
N ALA A 240 47.78 9.09 -11.92
CA ALA A 240 47.49 9.69 -10.59
C ALA A 240 46.27 9.07 -9.89
N SER A 241 45.18 8.90 -10.63
CA SER A 241 43.85 8.58 -10.04
C SER A 241 43.20 7.31 -10.61
N GLY A 242 44.02 6.39 -11.09
CA GLY A 242 43.54 5.15 -11.72
C GLY A 242 42.68 4.24 -10.86
N TYR A 243 42.86 4.30 -9.53
CA TYR A 243 42.05 3.53 -8.58
C TYR A 243 40.99 4.36 -7.88
N ILE A 244 40.72 5.55 -8.41
CA ILE A 244 39.85 6.50 -7.80
C ILE A 244 38.63 6.69 -8.67
N THR A 245 37.45 6.30 -8.17
CA THR A 245 36.20 6.62 -8.90
C THR A 245 35.13 6.77 -7.88
N GLY A 246 34.07 7.47 -8.27
CA GLY A 246 32.96 7.71 -7.39
C GLY A 246 33.22 8.83 -6.39
N GLN A 247 34.26 9.66 -6.60
CA GLN A 247 34.64 10.64 -5.56
C GLN A 247 34.39 12.10 -5.90
N ILE A 248 34.37 12.89 -4.85
CA ILE A 248 34.23 14.33 -4.93
C ILE A 248 35.41 14.91 -4.20
N LEU A 249 36.10 15.87 -4.82
CA LEU A 249 37.10 16.63 -4.08
C LEU A 249 36.63 18.03 -3.95
N ASP A 250 36.48 18.53 -2.71
CA ASP A 250 35.93 19.86 -2.50
C ASP A 250 37.10 20.82 -2.38
N VAL A 251 37.03 21.88 -3.15
CA VAL A 251 38.10 22.85 -3.29
C VAL A 251 37.55 24.22 -2.92
N ASN A 252 37.69 24.55 -1.65
CA ASN A 252 36.94 25.66 -1.04
C ASN A 252 37.60 26.44 0.13
N GLY A 253 38.89 26.25 0.38
CA GLY A 253 39.53 26.98 1.48
C GLY A 253 38.99 26.63 2.86
N GLY A 254 38.49 25.42 2.99
CA GLY A 254 37.93 24.97 4.26
C GLY A 254 36.47 25.33 4.51
N GLN A 255 35.81 25.96 3.55
CA GLN A 255 34.42 26.50 3.74
C GLN A 255 33.41 25.43 4.10
N ILE A 256 33.55 24.25 3.52
CA ILE A 256 32.91 23.08 4.07
C ILE A 256 33.88 21.89 4.10
N CYS A 257 33.82 21.17 5.21
CA CYS A 257 34.67 20.05 5.45
C CYS A 257 33.88 18.78 5.61
N PRO A 258 33.39 18.22 4.49
CA PRO A 258 32.66 16.98 4.55
C PRO A 258 33.58 15.85 4.95
N PHE B 2 2.26 12.88 20.67
CA PHE B 2 1.61 13.18 19.34
C PHE B 2 0.17 13.66 19.42
N SER B 3 -0.37 13.86 20.62
CA SER B 3 -1.73 14.42 20.76
C SER B 3 -1.91 15.77 20.02
N ASP B 4 -0.79 16.48 19.78
CA ASP B 4 -0.83 17.74 19.02
C ASP B 4 -1.33 17.57 17.59
N LEU B 5 -1.38 16.32 17.10
CA LEU B 5 -1.86 16.05 15.73
C LEU B 5 -3.38 16.08 15.52
N LYS B 6 -4.17 16.08 16.59
CA LYS B 6 -5.63 16.03 16.46
C LYS B 6 -6.11 17.23 15.64
N GLY B 7 -6.85 16.96 14.58
CA GLY B 7 -7.37 18.04 13.74
C GLY B 7 -6.37 18.62 12.75
N LYS B 8 -5.12 18.17 12.76
CA LYS B 8 -4.13 18.77 11.84
C LYS B 8 -4.42 18.34 10.45
N ARG B 9 -4.25 19.26 9.51
CA ARG B 9 -4.66 19.04 8.14
C ARG B 9 -3.44 18.68 7.34
N ILE B 10 -3.45 17.45 6.82
CA ILE B 10 -2.25 16.83 6.26
C ILE B 10 -2.46 16.29 4.87
N LEU B 11 -1.84 16.97 3.91
CA LEU B 11 -1.94 16.61 2.55
C LEU B 11 -0.83 15.67 2.29
N ILE B 12 -1.15 14.49 1.79
CA ILE B 12 -0.15 13.48 1.51
C ILE B 12 -0.26 13.06 0.07
N THR B 13 0.80 13.31 -0.72
CA THR B 13 0.79 12.92 -2.12
C THR B 13 1.14 11.46 -2.24
N GLY B 14 0.58 10.82 -3.25
CA GLY B 14 0.83 9.42 -3.54
C GLY B 14 0.46 8.56 -2.35
N SER B 15 -0.72 8.82 -1.78
CA SER B 15 -1.12 8.22 -0.52
C SER B 15 -2.23 7.18 -0.67
N SER B 16 -2.58 6.83 -1.92
CA SER B 16 -3.62 5.85 -2.18
C SER B 16 -3.14 4.44 -1.87
N GLN B 17 -1.83 4.27 -1.67
CA GLN B 17 -1.31 2.96 -1.33
C GLN B 17 0.10 3.05 -0.78
N GLY B 18 0.68 1.92 -0.42
CA GLY B 18 2.06 1.88 0.06
C GLY B 18 2.36 2.76 1.25
N ILE B 19 3.56 3.32 1.27
CA ILE B 19 4.03 4.12 2.40
C ILE B 19 3.08 5.24 2.76
N GLY B 20 2.63 5.99 1.74
CA GLY B 20 1.77 7.14 1.96
C GLY B 20 0.43 6.79 2.61
N MET B 21 -0.14 5.66 2.23
CA MET B 21 -1.42 5.20 2.85
C MET B 21 -1.11 4.74 4.29
N ALA B 22 -0.05 3.97 4.48
CA ALA B 22 0.29 3.55 5.84
C ALA B 22 0.47 4.76 6.77
N THR B 23 1.12 5.81 6.28
CA THR B 23 1.27 7.04 7.00
C THR B 23 -0.06 7.74 7.28
N ALA B 24 -0.91 7.80 6.28
CA ALA B 24 -2.20 8.40 6.46
C ALA B 24 -2.95 7.74 7.62
N ILE B 25 -2.94 6.42 7.68
CA ILE B 25 -3.68 5.68 8.69
C ILE B 25 -3.16 6.00 10.08
N GLU B 26 -1.84 5.97 10.20
CA GLU B 26 -1.18 6.19 11.46
C GLU B 26 -1.42 7.63 11.99
N LEU B 27 -1.37 8.61 11.09
CA LEU B 27 -1.73 9.98 11.46
C LEU B 27 -3.21 10.08 11.92
N ALA B 28 -4.06 9.31 11.24
CA ALA B 28 -5.48 9.24 11.55
C ALA B 28 -5.73 8.67 12.93
N ARG B 29 -4.82 7.82 13.40
CA ARG B 29 -4.93 7.29 14.76
C ARG B 29 -4.83 8.41 15.78
N TYR B 30 -4.12 9.49 15.45
CA TYR B 30 -4.06 10.69 16.33
C TYR B 30 -5.13 11.73 16.05
N GLY B 31 -6.07 11.42 15.16
CA GLY B 31 -7.15 12.33 14.84
C GLY B 31 -6.77 13.37 13.82
N ALA B 32 -5.80 13.09 12.96
CA ALA B 32 -5.45 14.04 11.91
C ALA B 32 -6.57 14.03 10.86
N VAL B 33 -6.65 15.12 10.10
CA VAL B 33 -7.44 15.15 8.90
C VAL B 33 -6.54 15.11 7.67
N VAL B 34 -6.70 14.07 6.87
CA VAL B 34 -5.72 13.74 5.86
C VAL B 34 -6.30 13.84 4.44
N GLY B 35 -5.61 14.56 3.57
CA GLY B 35 -5.91 14.57 2.16
C GLY B 35 -5.14 13.45 1.48
N LEU B 36 -5.89 12.48 0.95
CA LEU B 36 -5.32 11.33 0.31
C LEU B 36 -5.30 11.66 -1.15
N HIS B 37 -4.34 11.09 -1.87
CA HIS B 37 -4.13 11.49 -3.26
C HIS B 37 -3.63 10.32 -4.07
N GLY B 38 -4.16 10.22 -5.29
CA GLY B 38 -3.84 9.13 -6.21
C GLY B 38 -3.53 9.73 -7.59
N ARG B 39 -2.59 9.11 -8.28
CA ARG B 39 -2.14 9.64 -9.54
C ARG B 39 -2.70 8.75 -10.60
N LYS B 40 -2.06 7.61 -10.81
CA LYS B 40 -2.45 6.71 -11.86
C LYS B 40 -3.12 5.47 -11.27
N ALA B 41 -2.65 4.98 -10.11
CA ALA B 41 -3.03 3.65 -9.67
C ALA B 41 -4.55 3.52 -9.43
N PRO B 42 -5.11 2.36 -9.75
CA PRO B 42 -6.49 2.10 -9.37
C PRO B 42 -6.63 2.18 -7.85
N ALA B 43 -7.75 2.67 -7.34
CA ALA B 43 -7.96 2.80 -5.89
C ALA B 43 -9.45 2.78 -5.51
N ASP B 44 -9.72 2.73 -4.22
CA ASP B 44 -11.10 2.66 -3.71
C ASP B 44 -11.27 3.69 -2.59
N PRO B 45 -11.71 4.89 -2.96
CA PRO B 45 -11.71 5.99 -2.02
C PRO B 45 -12.50 5.72 -0.76
N ALA B 46 -13.69 5.17 -0.94
CA ALA B 46 -14.56 4.86 0.20
C ALA B 46 -13.81 3.91 1.16
N LEU B 47 -13.09 2.90 0.62
CA LEU B 47 -12.36 1.95 1.47
C LEU B 47 -11.29 2.63 2.26
N LEU B 48 -10.47 3.38 1.54
CA LEU B 48 -9.36 4.13 2.11
C LEU B 48 -9.82 5.14 3.15
N LEU B 49 -10.85 5.93 2.83
CA LEU B 49 -11.30 6.96 3.78
C LEU B 49 -11.97 6.27 4.98
N GLY B 50 -12.62 5.15 4.73
CA GLY B 50 -13.14 4.30 5.80
C GLY B 50 -12.10 3.86 6.82
N LYS B 51 -10.91 3.49 6.34
CA LYS B 51 -9.82 3.16 7.26
C LYS B 51 -9.43 4.37 8.09
N LEU B 52 -9.28 5.53 7.46
CA LEU B 52 -8.88 6.72 8.22
C LEU B 52 -9.88 6.96 9.33
N ARG B 53 -11.15 6.99 8.95
CA ARG B 53 -12.24 7.27 9.89
C ARG B 53 -12.28 6.20 10.99
N GLU B 54 -12.23 4.93 10.62
CA GLU B 54 -12.13 3.83 11.60
C GLU B 54 -10.88 3.89 12.48
N ALA B 55 -9.83 4.51 11.98
CA ALA B 55 -8.63 4.68 12.78
C ALA B 55 -8.79 5.85 13.76
N GLY B 56 -9.75 6.73 13.52
CA GLY B 56 -10.04 7.84 14.44
C GLY B 56 -9.88 9.21 13.80
N GLY B 57 -9.67 9.24 12.49
CA GLY B 57 -9.34 10.49 11.82
C GLY B 57 -10.44 10.86 10.87
N ASP B 58 -10.11 11.69 9.88
CA ASP B 58 -11.01 12.01 8.80
C ASP B 58 -10.15 12.33 7.59
N GLY B 59 -10.75 12.58 6.44
CA GLY B 59 -9.98 12.95 5.27
C GLY B 59 -10.82 13.10 4.02
N ALA B 60 -10.16 13.25 2.88
CA ALA B 60 -10.81 13.18 1.58
C ALA B 60 -9.82 12.65 0.57
N PHE B 61 -10.33 12.27 -0.58
CA PHE B 61 -9.52 11.72 -1.63
C PHE B 61 -9.49 12.59 -2.89
N PHE B 62 -8.31 12.73 -3.47
CA PHE B 62 -8.10 13.63 -4.60
C PHE B 62 -7.35 12.91 -5.69
N ARG B 63 -7.64 13.25 -6.94
CA ARG B 63 -7.00 12.60 -8.06
C ARG B 63 -6.21 13.64 -8.85
N ALA B 64 -4.93 13.36 -9.14
CA ALA B 64 -4.10 14.27 -9.95
C ALA B 64 -2.83 13.59 -10.49
N ASP B 65 -2.53 13.86 -11.76
CA ASP B 65 -1.31 13.36 -12.37
C ASP B 65 -0.20 14.40 -12.24
N ILE B 66 0.19 14.64 -10.98
CA ILE B 66 1.10 15.73 -10.57
C ILE B 66 2.52 15.73 -11.18
N THR B 67 2.79 14.85 -12.15
CA THR B 67 3.89 15.06 -13.10
C THR B 67 3.80 16.41 -13.82
N LYS B 68 2.58 16.98 -13.91
CA LYS B 68 2.38 18.33 -14.51
C LYS B 68 2.17 19.40 -13.44
N THR B 69 2.68 20.60 -13.66
CA THR B 69 2.54 21.71 -12.68
C THR B 69 1.10 22.07 -12.43
N ALA B 70 0.28 22.05 -13.51
CA ALA B 70 -1.15 22.34 -13.43
C ALA B 70 -1.83 21.37 -12.44
N GLU B 71 -1.65 20.08 -12.73
CA GLU B 71 -2.05 18.99 -11.85
C GLU B 71 -1.66 19.26 -10.39
N CYS B 72 -0.40 19.66 -10.15
CA CYS B 72 0.09 20.06 -8.80
C CYS B 72 -0.67 21.29 -8.21
N GLN B 73 -1.04 22.27 -9.02
CA GLN B 73 -1.76 23.42 -8.44
C GLN B 73 -3.23 23.07 -8.20
N ARG B 74 -3.72 22.09 -8.95
CA ARG B 74 -5.09 21.61 -8.82
C ARG B 74 -5.21 20.98 -7.44
N LEU B 75 -4.32 20.02 -7.19
CA LEU B 75 -4.33 19.22 -5.96
C LEU B 75 -4.35 20.10 -4.75
N VAL B 76 -3.41 21.04 -4.68
CA VAL B 76 -3.29 21.91 -3.52
C VAL B 76 -4.57 22.66 -3.35
N SER B 77 -5.09 23.19 -4.45
CA SER B 77 -6.26 24.05 -4.40
C SER B 77 -7.47 23.32 -3.80
N ALA B 78 -7.75 22.14 -4.35
CA ALA B 78 -8.79 21.27 -3.84
C ALA B 78 -8.64 21.10 -2.33
N PHE B 79 -7.47 20.61 -1.88
CA PHE B 79 -7.26 20.40 -0.45
C PHE B 79 -7.64 21.62 0.35
N VAL B 80 -7.29 22.79 -0.16
CA VAL B 80 -7.42 24.01 0.62
C VAL B 80 -8.88 24.46 0.64
N GLU B 81 -9.56 24.35 -0.51
CA GLU B 81 -11.00 24.57 -0.52
C GLU B 81 -11.61 23.67 0.59
N ARG B 82 -11.41 22.37 0.44
CA ARG B 82 -12.04 21.37 1.29
C ARG B 82 -11.77 21.52 2.80
N PHE B 83 -10.54 21.81 3.20
CA PHE B 83 -10.26 21.90 4.64
C PHE B 83 -9.85 23.31 5.11
N ASP B 84 -9.81 24.28 4.20
CA ASP B 84 -9.58 25.70 4.54
C ASP B 84 -8.16 25.86 5.10
N GLY B 85 -7.17 25.28 4.43
CA GLY B 85 -5.77 25.39 4.90
C GLY B 85 -5.00 24.09 5.10
N ILE B 86 -3.85 24.19 5.77
CA ILE B 86 -2.85 23.12 5.74
C ILE B 86 -1.73 23.31 6.79
N ASP B 87 -1.57 22.31 7.65
CA ASP B 87 -0.52 22.30 8.64
C ASP B 87 0.67 21.42 8.23
N VAL B 88 0.45 20.43 7.39
CA VAL B 88 1.55 19.55 7.02
C VAL B 88 1.41 19.07 5.61
N LEU B 89 2.50 19.20 4.85
CA LEU B 89 2.54 18.65 3.53
C LEU B 89 3.51 17.52 3.50
N ILE B 90 3.06 16.39 2.99
CA ILE B 90 3.92 15.23 2.85
C ILE B 90 4.08 14.88 1.37
N ASN B 91 5.26 15.20 0.81
CA ASN B 91 5.55 14.85 -0.55
C ASN B 91 5.99 13.43 -0.65
N ASN B 92 5.06 12.53 -0.91
CA ASN B 92 5.41 11.13 -1.06
C ASN B 92 5.33 10.54 -2.47
N ALA B 93 4.67 11.24 -3.40
CA ALA B 93 4.58 10.79 -4.80
C ALA B 93 5.93 10.69 -5.49
N GLY B 94 6.10 9.67 -6.31
CA GLY B 94 7.33 9.45 -7.03
C GLY B 94 7.48 8.05 -7.53
N GLY B 95 8.71 7.68 -7.88
CA GLY B 95 9.02 6.32 -8.20
C GLY B 95 9.77 6.24 -9.50
N LEU B 96 10.20 5.02 -9.77
CA LEU B 96 11.08 4.66 -10.89
C LEU B 96 10.72 5.22 -12.27
N ALA B 97 9.43 5.21 -12.59
CA ALA B 97 8.93 5.47 -13.95
C ALA B 97 9.63 4.55 -14.96
N GLY B 98 9.91 3.32 -14.54
CA GLY B 98 10.68 2.38 -15.35
C GLY B 98 12.19 2.62 -15.38
N ARG B 99 12.90 1.62 -15.88
CA ARG B 99 14.35 1.52 -15.84
C ARG B 99 15.01 1.68 -17.21
N SER B 100 16.06 2.52 -17.29
CA SER B 100 16.89 2.59 -18.50
C SER B 100 18.37 2.78 -18.22
N ASN B 101 19.17 1.91 -18.82
CA ASN B 101 20.58 2.18 -18.94
C ASN B 101 20.78 3.58 -19.50
N LEU B 102 21.91 4.16 -19.15
CA LEU B 102 22.19 5.57 -19.50
C LEU B 102 22.08 5.81 -20.99
N GLU B 103 22.55 4.87 -21.78
CA GLU B 103 22.65 5.07 -23.21
C GLU B 103 21.26 5.12 -23.89
N ASN B 104 20.23 4.53 -23.27
CA ASN B 104 18.89 4.56 -23.83
C ASN B 104 18.02 5.66 -23.27
N ILE B 105 18.59 6.49 -22.42
CA ILE B 105 17.81 7.60 -21.85
C ILE B 105 17.60 8.72 -22.88
N ASP B 106 16.33 9.10 -23.08
CA ASP B 106 16.00 10.16 -24.02
C ASP B 106 15.37 11.30 -23.25
N ASP B 107 15.02 12.37 -23.94
CA ASP B 107 14.37 13.50 -23.27
C ASP B 107 13.05 13.12 -22.58
N ALA B 108 12.31 12.17 -23.16
CA ALA B 108 11.03 11.72 -22.60
C ALA B 108 11.24 11.08 -21.24
N PHE B 109 12.06 10.03 -21.20
CA PHE B 109 12.39 9.26 -20.00
C PHE B 109 12.97 10.15 -18.90
N TYR B 110 13.97 10.92 -19.27
CA TYR B 110 14.56 11.88 -18.35
C TYR B 110 13.46 12.74 -17.81
N ASP B 111 12.62 13.29 -18.68
CA ASP B 111 11.60 14.24 -18.19
C ASP B 111 10.47 13.55 -17.45
N ARG B 112 10.25 12.26 -17.70
CA ARG B 112 9.19 11.55 -16.99
C ARG B 112 9.64 11.30 -15.54
N VAL B 113 10.89 10.89 -15.36
CA VAL B 113 11.44 10.71 -14.03
C VAL B 113 11.48 12.02 -13.26
N MET B 114 12.00 13.08 -13.88
CA MET B 114 12.18 14.33 -13.13
C MET B 114 10.91 15.10 -12.87
N ASP B 115 9.92 14.91 -13.73
CA ASP B 115 8.63 15.45 -13.45
C ASP B 115 7.97 14.72 -12.31
N LEU B 116 8.08 13.41 -12.27
CA LEU B 116 7.43 12.64 -11.19
C LEU B 116 8.09 12.93 -9.84
N ASN B 117 9.40 13.11 -9.87
CA ASN B 117 10.17 13.22 -8.63
C ASN B 117 10.59 14.64 -8.27
N GLY B 118 10.99 15.45 -9.25
CA GLY B 118 11.44 16.81 -8.95
C GLY B 118 10.42 17.89 -9.05
N ARG B 119 9.90 18.07 -10.26
CA ARG B 119 8.86 19.08 -10.53
C ARG B 119 7.67 18.94 -9.57
N SER B 120 7.14 17.73 -9.45
CA SER B 120 6.00 17.51 -8.52
C SER B 120 6.28 18.11 -7.16
N VAL B 121 7.43 17.73 -6.59
CA VAL B 121 7.76 18.14 -5.23
C VAL B 121 8.03 19.65 -5.17
N LEU B 122 8.71 20.17 -6.18
CA LEU B 122 8.99 21.63 -6.19
C LEU B 122 7.69 22.44 -6.18
N MET B 123 6.83 22.10 -7.12
CA MET B 123 5.56 22.82 -7.28
C MET B 123 4.52 22.47 -6.19
N MET B 124 4.36 21.17 -5.88
CA MET B 124 3.50 20.83 -4.71
C MET B 124 3.89 21.69 -3.54
N THR B 125 5.19 21.69 -3.19
CA THR B 125 5.68 22.48 -2.06
C THR B 125 5.55 23.99 -2.22
N LYS B 126 5.79 24.48 -3.43
CA LYS B 126 5.69 25.92 -3.71
C LYS B 126 4.27 26.46 -3.43
N PHE B 127 3.29 25.80 -4.00
CA PHE B 127 1.90 26.25 -3.83
C PHE B 127 1.43 26.15 -2.40
N ALA B 128 2.01 25.22 -1.62
CA ALA B 128 1.63 25.05 -0.21
C ALA B 128 2.14 26.14 0.70
N ILE B 129 3.31 26.68 0.38
CA ILE B 129 4.00 27.58 1.31
C ILE B 129 3.18 28.66 1.97
N PRO B 130 2.36 29.40 1.17
CA PRO B 130 1.69 30.53 1.85
C PRO B 130 0.72 30.07 2.93
N HIS B 131 0.14 28.90 2.74
CA HIS B 131 -0.85 28.33 3.68
C HIS B 131 -0.11 27.75 4.91
N LEU B 132 0.95 26.99 4.63
CA LEU B 132 1.86 26.54 5.69
C LEU B 132 2.31 27.71 6.57
N ARG B 133 2.69 28.82 5.91
CA ARG B 133 3.07 30.04 6.61
C ARG B 133 1.94 30.57 7.46
N ALA B 134 0.75 30.62 6.86
CA ALA B 134 -0.42 31.12 7.60
C ALA B 134 -0.67 30.23 8.80
N SER B 135 -0.67 28.91 8.59
CA SER B 135 -1.02 28.01 9.69
C SER B 135 -0.04 28.13 10.84
N ALA B 136 1.27 28.21 10.57
CA ALA B 136 2.24 28.44 11.65
C ALA B 136 2.03 29.78 12.35
N LYS B 137 1.69 30.81 11.57
CA LYS B 137 1.38 32.13 12.09
C LYS B 137 0.19 32.08 13.08
N ALA B 138 -0.86 31.34 12.75
CA ALA B 138 -2.03 31.21 13.66
C ALA B 138 -1.76 30.34 14.89
N SER B 139 -1.00 29.24 14.70
CA SER B 139 -0.72 28.30 15.79
C SER B 139 0.33 28.85 16.73
N GLY B 140 1.28 29.60 16.15
CA GLY B 140 2.41 30.12 16.92
C GLY B 140 3.43 29.03 17.22
N THR B 141 3.44 27.97 16.43
CA THR B 141 4.34 26.88 16.60
C THR B 141 5.07 26.72 15.26
N THR B 142 5.03 25.54 14.68
CA THR B 142 5.59 25.33 13.35
C THR B 142 4.60 24.54 12.53
N SER B 143 4.62 24.77 11.23
CA SER B 143 4.04 23.87 10.29
C SER B 143 5.21 23.06 9.68
N ALA B 144 4.87 22.06 8.88
CA ALA B 144 5.86 21.08 8.39
C ALA B 144 5.72 20.63 6.96
N VAL B 145 6.89 20.42 6.36
CA VAL B 145 6.99 19.65 5.17
C VAL B 145 7.80 18.39 5.47
N ILE B 146 7.37 17.30 4.93
CA ILE B 146 8.09 16.05 5.02
C ILE B 146 8.02 15.49 3.65
N SER B 147 9.14 14.98 3.13
CA SER B 147 9.16 14.34 1.85
C SER B 147 9.81 12.97 1.98
N THR B 148 9.43 12.11 1.08
CA THR B 148 9.99 10.77 0.97
C THR B 148 11.25 10.87 0.11
N GLY B 149 12.37 10.55 0.72
CA GLY B 149 13.67 10.48 0.05
C GLY B 149 13.94 9.05 -0.28
N SER B 150 15.21 8.66 -0.31
CA SER B 150 15.58 7.31 -0.65
C SER B 150 17.02 7.03 -0.28
N ILE B 151 17.27 5.80 0.16
CA ILE B 151 18.63 5.29 0.19
C ILE B 151 19.35 5.63 -1.14
N ALA B 152 18.64 5.60 -2.27
CA ALA B 152 19.28 5.82 -3.59
C ALA B 152 19.83 7.24 -3.76
N ALA B 153 19.28 8.17 -2.99
CA ALA B 153 19.80 9.53 -2.94
C ALA B 153 21.26 9.60 -2.48
N ARG B 154 21.66 8.62 -1.66
CA ARG B 154 23.00 8.62 -1.07
C ARG B 154 24.04 7.81 -1.85
N GLU B 155 23.65 6.66 -2.38
CA GLU B 155 24.62 5.71 -2.95
C GLU B 155 24.34 5.34 -4.40
N GLY B 156 23.54 6.12 -5.12
CA GLY B 156 23.40 5.96 -6.58
C GLY B 156 22.24 5.15 -7.13
N GLY B 157 21.60 4.33 -6.32
CA GLY B 157 20.49 3.51 -6.78
C GLY B 157 20.95 2.32 -7.61
N GLY B 158 19.99 1.56 -8.13
CA GLY B 158 20.33 0.39 -8.94
C GLY B 158 20.59 0.80 -10.37
N ILE B 159 21.13 -0.16 -11.12
CA ILE B 159 21.46 0.03 -12.51
C ILE B 159 20.18 0.30 -13.29
N GLY B 160 20.13 1.40 -14.02
CA GLY B 160 18.94 1.78 -14.77
C GLY B 160 18.07 2.74 -14.01
N ALA B 161 18.37 2.91 -12.72
CA ALA B 161 17.60 3.79 -11.85
C ALA B 161 18.33 5.10 -11.60
N GLY B 162 19.38 5.36 -12.37
CA GLY B 162 20.21 6.54 -12.12
C GLY B 162 19.50 7.87 -12.00
N VAL B 163 18.56 8.12 -12.90
CA VAL B 163 17.91 9.41 -12.90
C VAL B 163 16.97 9.56 -11.67
N TYR B 164 16.35 8.46 -11.30
CA TYR B 164 15.46 8.42 -10.15
C TYR B 164 16.30 8.69 -8.87
N ALA B 165 17.40 7.95 -8.74
CA ALA B 165 18.30 8.11 -7.60
C ALA B 165 18.75 9.57 -7.47
N ALA B 166 19.19 10.14 -8.59
CA ALA B 166 19.64 11.53 -8.60
C ALA B 166 18.57 12.51 -8.24
N SER B 167 17.32 12.22 -8.63
CA SER B 167 16.21 13.06 -8.25
C SER B 167 15.95 13.05 -6.76
N LYS B 168 16.17 11.94 -6.10
CA LYS B 168 16.13 11.95 -4.62
C LYS B 168 17.24 12.76 -3.92
N ALA B 169 18.45 12.71 -4.45
CA ALA B 169 19.51 13.60 -3.96
C ALA B 169 19.11 15.05 -4.16
N TRP B 170 18.52 15.34 -5.32
CA TRP B 170 17.98 16.63 -5.65
C TRP B 170 17.05 17.08 -4.54
N LEU B 171 16.12 16.19 -4.15
CA LEU B 171 15.15 16.50 -3.09
C LEU B 171 15.83 16.70 -1.76
N HIS B 172 16.75 15.78 -1.42
CA HIS B 172 17.47 15.89 -0.14
C HIS B 172 18.17 17.23 -0.01
N ASP B 173 18.77 17.70 -1.13
CA ASP B 173 19.48 18.96 -1.07
C ASP B 173 18.56 20.18 -1.15
N ILE B 174 17.48 20.13 -1.97
CA ILE B 174 16.58 21.29 -2.04
C ILE B 174 15.90 21.60 -0.70
N HIS B 175 15.62 20.58 0.09
CA HIS B 175 15.20 20.80 1.47
C HIS B 175 16.13 21.68 2.27
N ARG B 176 17.44 21.48 2.08
CA ARG B 176 18.43 22.31 2.81
C ARG B 176 18.29 23.77 2.41
N ASN B 177 17.96 23.99 1.14
CA ASN B 177 17.75 25.36 0.67
C ASN B 177 16.50 25.88 1.33
N TRP B 178 15.43 25.09 1.30
CA TRP B 178 14.17 25.55 1.90
C TRP B 178 14.32 25.89 3.37
N VAL B 179 15.22 25.23 4.09
CA VAL B 179 15.47 25.65 5.50
C VAL B 179 15.98 27.09 5.62
N LYS B 180 16.80 27.48 4.65
CA LYS B 180 17.33 28.83 4.66
C LYS B 180 16.25 29.83 4.32
N GLU B 181 15.48 29.60 3.27
CA GLU B 181 14.43 30.54 2.85
C GLU B 181 13.30 30.64 3.87
N PHE B 182 12.87 29.49 4.40
CA PHE B 182 11.58 29.43 5.09
C PHE B 182 11.56 29.15 6.58
N THR B 183 12.72 28.97 7.22
CA THR B 183 12.74 28.84 8.68
C THR B 183 12.20 30.11 9.32
N LYS B 184 12.44 31.24 8.67
CA LYS B 184 11.92 32.52 9.20
C LYS B 184 10.39 32.50 9.27
N ASP B 185 9.76 31.70 8.42
CA ASP B 185 8.29 31.49 8.41
C ASP B 185 7.78 30.38 9.36
N SER B 186 8.69 29.77 10.14
CA SER B 186 8.34 28.73 11.10
C SER B 186 7.80 27.52 10.41
N ILE B 187 8.39 27.21 9.27
CA ILE B 187 8.06 26.01 8.58
C ILE B 187 9.30 25.13 8.68
N ARG B 188 9.09 23.87 9.04
CA ARG B 188 10.16 22.87 9.09
C ARG B 188 10.10 21.97 7.87
N PHE B 189 11.23 21.32 7.60
CA PHE B 189 11.40 20.50 6.41
C PHE B 189 12.26 19.30 6.80
N ASN B 190 11.80 18.10 6.50
CA ASN B 190 12.53 16.94 6.90
C ASN B 190 12.18 15.83 6.00
N ILE B 191 13.07 14.86 5.96
CA ILE B 191 12.91 13.74 5.07
C ILE B 191 12.91 12.41 5.79
N VAL B 192 12.14 11.48 5.22
CA VAL B 192 12.24 10.05 5.53
C VAL B 192 12.73 9.35 4.30
N ALA B 193 13.79 8.58 4.50
CA ALA B 193 14.50 7.88 3.43
C ALA B 193 14.43 6.39 3.63
N PRO B 194 13.42 5.75 3.05
CA PRO B 194 13.32 4.29 3.05
C PRO B 194 14.48 3.65 2.33
N GLY B 195 14.81 2.42 2.70
CA GLY B 195 15.70 1.59 1.91
C GLY B 195 14.86 0.71 1.03
N THR B 196 14.97 -0.59 1.28
CA THR B 196 14.16 -1.58 0.58
C THR B 196 12.91 -1.85 1.42
N VAL B 197 11.77 -1.73 0.74
CA VAL B 197 10.42 -1.81 1.34
C VAL B 197 9.51 -2.66 0.45
N ASP B 198 8.68 -3.52 1.02
CA ASP B 198 7.70 -4.27 0.22
C ASP B 198 6.32 -4.31 0.84
N LYS B 210 16.51 -10.17 -4.91
CA LYS B 210 15.67 -9.95 -3.73
C LYS B 210 16.33 -10.59 -2.52
N THR B 211 16.51 -11.90 -2.61
CA THR B 211 17.09 -12.70 -1.53
C THR B 211 18.62 -12.64 -1.50
N ARG B 212 19.21 -11.83 -2.38
CA ARG B 212 20.59 -11.36 -2.21
C ARG B 212 20.62 -9.91 -1.73
N ILE B 213 19.62 -9.12 -2.13
CA ILE B 213 19.47 -7.75 -1.57
C ILE B 213 19.22 -7.82 -0.06
N ALA B 214 18.60 -8.91 0.41
CA ALA B 214 18.49 -9.16 1.84
C ALA B 214 19.86 -9.28 2.52
N ASN B 215 20.80 -9.99 1.90
CA ASN B 215 22.17 -10.13 2.40
C ASN B 215 22.85 -8.81 2.67
N SER B 216 22.46 -7.77 1.98
CA SER B 216 23.02 -6.45 2.22
C SER B 216 22.35 -5.73 3.38
N ILE B 217 21.24 -6.23 3.91
CA ILE B 217 20.57 -5.55 5.02
C ILE B 217 20.87 -6.27 6.34
N PRO B 218 21.57 -5.61 7.28
CA PRO B 218 21.85 -6.18 8.58
C PRO B 218 20.65 -6.87 9.21
N MET B 219 19.47 -6.23 9.19
CA MET B 219 18.26 -6.90 9.70
C MET B 219 17.71 -8.00 8.80
N GLY B 220 18.32 -8.22 7.64
CA GLY B 220 18.06 -9.42 6.85
C GLY B 220 16.74 -9.55 6.12
N ARG B 221 15.98 -8.46 6.01
CA ARG B 221 14.68 -8.48 5.33
C ARG B 221 14.30 -7.10 4.88
N PHE B 222 13.34 -7.02 3.96
CA PHE B 222 12.81 -5.72 3.54
C PHE B 222 11.91 -5.09 4.64
N GLY B 223 11.80 -3.76 4.64
CA GLY B 223 10.86 -3.10 5.57
C GLY B 223 9.41 -3.28 5.17
N THR B 224 8.48 -3.10 6.10
CA THR B 224 7.08 -3.02 5.72
C THR B 224 6.60 -1.56 5.77
N VAL B 225 5.49 -1.27 5.10
CA VAL B 225 5.01 0.09 5.12
C VAL B 225 4.69 0.54 6.57
N GLN B 226 4.25 -0.38 7.41
CA GLN B 226 3.90 -0.06 8.81
C GLN B 226 5.12 0.43 9.57
N GLU B 227 6.28 -0.09 9.21
CA GLU B 227 7.51 0.29 9.83
C GLU B 227 8.03 1.63 9.35
N LEU B 228 7.52 2.14 8.24
CA LEU B 228 7.91 3.44 7.75
C LEU B 228 7.06 4.56 8.34
N ALA B 229 5.77 4.33 8.48
CA ALA B 229 4.85 5.37 8.97
C ALA B 229 5.27 6.16 10.21
N PRO B 230 5.80 5.51 11.27
CA PRO B 230 6.06 6.32 12.47
C PRO B 230 7.03 7.51 12.36
N ALA B 231 8.01 7.36 11.48
CA ALA B 231 8.98 8.38 11.26
C ALA B 231 8.31 9.65 10.72
N TYR B 232 7.30 9.47 9.89
CA TYR B 232 6.50 10.61 9.37
C TYR B 232 5.70 11.30 10.45
N VAL B 233 5.03 10.49 11.28
CA VAL B 233 4.31 11.03 12.42
C VAL B 233 5.23 11.88 13.24
N PHE B 234 6.46 11.36 13.47
CA PHE B 234 7.42 12.03 14.29
C PHE B 234 7.71 13.41 13.72
N PHE B 235 8.05 13.46 12.43
CA PHE B 235 8.37 14.75 11.77
C PHE B 235 7.14 15.66 11.64
N ALA B 236 5.96 15.05 11.59
CA ALA B 236 4.73 15.82 11.48
C ALA B 236 4.41 16.62 12.73
N SER B 237 4.86 16.16 13.91
CA SER B 237 4.44 16.67 15.19
C SER B 237 5.40 17.72 15.76
N HIS B 238 4.88 18.93 15.97
CA HIS B 238 5.68 20.02 16.51
C HIS B 238 6.11 19.66 17.91
N ALA B 239 5.24 18.97 18.65
CA ALA B 239 5.61 18.54 19.98
C ALA B 239 6.86 17.67 19.99
N ALA B 240 6.92 16.70 19.09
CA ALA B 240 8.06 15.78 18.96
C ALA B 240 9.30 16.38 18.30
N SER B 241 9.10 17.12 17.20
CA SER B 241 10.21 17.50 16.28
C SER B 241 10.30 19.00 16.00
N GLY B 242 9.80 19.79 16.92
CA GLY B 242 9.75 21.26 16.74
C GLY B 242 11.09 21.96 16.59
N TYR B 243 12.17 21.37 17.10
CA TYR B 243 13.52 21.92 16.94
C TYR B 243 14.33 21.16 15.90
N ILE B 244 13.66 20.37 15.09
CA ILE B 244 14.27 19.55 14.10
C ILE B 244 13.86 20.02 12.73
N THR B 245 14.84 20.40 11.90
CA THR B 245 14.55 20.74 10.50
C THR B 245 15.83 20.56 9.73
N GLY B 246 15.71 20.36 8.43
CA GLY B 246 16.87 20.09 7.61
C GLY B 246 17.38 18.66 7.69
N GLN B 247 16.60 17.72 8.25
CA GLN B 247 17.11 16.37 8.50
C GLN B 247 16.51 15.26 7.66
N ILE B 248 17.26 14.19 7.60
CA ILE B 248 16.87 12.96 6.96
C ILE B 248 16.88 11.83 7.99
N LEU B 249 15.82 11.05 8.08
CA LEU B 249 15.88 9.84 8.88
C LEU B 249 15.82 8.69 7.94
N ASP B 250 16.83 7.84 7.95
CA ASP B 250 16.88 6.70 7.05
C ASP B 250 16.32 5.50 7.79
N VAL B 251 15.35 4.88 7.15
CA VAL B 251 14.59 3.75 7.66
C VAL B 251 14.78 2.54 6.74
N ASN B 252 15.78 1.73 7.08
CA ASN B 252 16.34 0.75 6.14
C ASN B 252 16.93 -0.55 6.73
N GLY B 253 16.72 -0.83 8.00
CA GLY B 253 17.20 -2.10 8.57
C GLY B 253 18.71 -2.18 8.62
N GLY B 254 19.35 -1.02 8.69
CA GLY B 254 20.80 -0.96 8.67
C GLY B 254 21.48 -0.95 7.30
N GLN B 255 20.70 -0.98 6.22
CA GLN B 255 21.24 -1.10 4.83
C GLN B 255 22.24 -0.03 4.44
N ILE B 256 22.00 1.19 4.90
CA ILE B 256 23.03 2.22 4.87
C ILE B 256 22.99 3.00 6.19
N CYS B 257 24.19 3.25 6.72
CA CYS B 257 24.35 3.99 7.95
C CYS B 257 25.13 5.29 7.76
N PRO B 258 24.44 6.35 7.30
CA PRO B 258 25.14 7.60 7.05
C PRO B 258 25.75 8.18 8.30
N PHE C 2 -21.43 -3.68 14.38
CA PHE C 2 -20.48 -4.20 15.41
C PHE C 2 -20.30 -3.30 16.63
N SER C 3 -20.98 -2.15 16.68
CA SER C 3 -20.98 -1.32 17.90
C SER C 3 -21.37 -2.10 19.17
N ASP C 4 -22.09 -3.23 19.02
CA ASP C 4 -22.43 -4.05 20.19
C ASP C 4 -21.23 -4.62 20.88
N LEU C 5 -20.04 -4.52 20.29
CA LEU C 5 -18.86 -5.11 20.87
C LEU C 5 -18.16 -4.24 21.93
N LYS C 6 -18.55 -2.97 22.04
CA LYS C 6 -17.91 -2.08 22.99
C LYS C 6 -18.05 -2.65 24.40
N GLY C 7 -16.93 -2.84 25.06
CA GLY C 7 -16.92 -3.34 26.43
C GLY C 7 -17.00 -4.85 26.54
N LYS C 8 -17.20 -5.58 25.44
CA LYS C 8 -17.34 -7.04 25.52
C LYS C 8 -16.03 -7.66 25.88
N ARG C 9 -16.09 -8.68 26.74
CA ARG C 9 -14.91 -9.26 27.31
C ARG C 9 -14.63 -10.50 26.55
N ILE C 10 -13.44 -10.55 25.94
CA ILE C 10 -13.12 -11.53 24.92
C ILE C 10 -11.77 -12.16 25.16
N LEU C 11 -11.81 -13.42 25.51
CA LEU C 11 -10.63 -14.14 25.80
C LEU C 11 -10.27 -14.85 24.55
N ILE C 12 -9.04 -14.60 24.09
CA ILE C 12 -8.54 -15.20 22.87
C ILE C 12 -7.28 -16.00 23.13
N THR C 13 -7.34 -17.32 22.92
CA THR C 13 -6.17 -18.14 23.14
C THR C 13 -5.21 -18.01 21.97
N GLY C 14 -3.93 -18.25 22.25
CA GLY C 14 -2.85 -18.10 21.27
C GLY C 14 -2.93 -16.80 20.51
N SER C 15 -3.02 -15.68 21.24
CA SER C 15 -3.29 -14.39 20.61
C SER C 15 -2.11 -13.42 20.66
N SER C 16 -0.95 -13.93 21.08
CA SER C 16 0.26 -13.14 21.19
C SER C 16 0.81 -12.80 19.83
N GLN C 17 0.43 -13.58 18.82
CA GLN C 17 0.88 -13.34 17.46
C GLN C 17 -0.14 -13.85 16.44
N GLY C 18 0.16 -13.66 15.17
CA GLY C 18 -0.65 -14.17 14.06
C GLY C 18 -2.13 -13.79 14.06
N ILE C 19 -2.96 -14.77 13.69
CA ILE C 19 -4.40 -14.58 13.50
C ILE C 19 -5.03 -14.06 14.75
N GLY C 20 -4.62 -14.63 15.89
CA GLY C 20 -5.18 -14.26 17.17
C GLY C 20 -4.93 -12.80 17.55
N MET C 21 -3.73 -12.33 17.24
CA MET C 21 -3.37 -10.95 17.58
C MET C 21 -4.10 -10.01 16.63
N ALA C 22 -4.19 -10.38 15.35
CA ALA C 22 -4.90 -9.55 14.38
C ALA C 22 -6.36 -9.38 14.74
N THR C 23 -6.98 -10.47 15.21
CA THR C 23 -8.32 -10.47 15.73
C THR C 23 -8.49 -9.63 16.95
N ALA C 24 -7.57 -9.77 17.88
CA ALA C 24 -7.60 -8.96 19.06
C ALA C 24 -7.65 -7.47 18.69
N ILE C 25 -6.80 -7.05 17.76
CA ILE C 25 -6.68 -5.65 17.42
C ILE C 25 -7.96 -5.17 16.77
N GLU C 26 -8.48 -5.99 15.85
CA GLU C 26 -9.70 -5.67 15.14
C GLU C 26 -10.89 -5.56 16.10
N LEU C 27 -10.92 -6.44 17.09
CA LEU C 27 -11.98 -6.37 18.10
C LEU C 27 -11.82 -5.12 18.96
N ALA C 28 -10.55 -4.75 19.22
CA ALA C 28 -10.21 -3.56 19.98
C ALA C 28 -10.68 -2.26 19.28
N ARG C 29 -10.73 -2.27 17.95
CA ARG C 29 -11.23 -1.12 17.20
C ARG C 29 -12.67 -0.80 17.55
N TYR C 30 -13.44 -1.81 17.98
CA TYR C 30 -14.81 -1.64 18.42
C TYR C 30 -14.98 -1.42 19.90
N GLY C 31 -13.87 -1.29 20.63
CA GLY C 31 -13.92 -1.03 22.05
C GLY C 31 -14.07 -2.27 22.90
N ALA C 32 -13.67 -3.43 22.38
CA ALA C 32 -13.75 -4.66 23.17
C ALA C 32 -12.65 -4.66 24.22
N VAL C 33 -12.85 -5.44 25.27
CA VAL C 33 -11.82 -5.76 26.24
C VAL C 33 -11.31 -7.18 26.03
N VAL C 34 -10.05 -7.32 25.67
CA VAL C 34 -9.51 -8.56 25.17
C VAL C 34 -8.47 -9.15 26.11
N GLY C 35 -8.63 -10.42 26.46
CA GLY C 35 -7.60 -11.16 27.12
C GLY C 35 -6.71 -11.80 26.09
N LEU C 36 -5.43 -11.41 26.08
CA LEU C 36 -4.45 -11.94 25.19
C LEU C 36 -3.75 -13.06 25.91
N HIS C 37 -3.25 -14.04 25.16
CA HIS C 37 -2.65 -15.20 25.79
C HIS C 37 -1.56 -15.78 24.94
N GLY C 38 -0.50 -16.22 25.61
CA GLY C 38 0.70 -16.73 24.96
C GLY C 38 1.09 -18.07 25.58
N ARG C 39 1.65 -18.95 24.75
CA ARG C 39 1.97 -20.30 25.19
C ARG C 39 3.43 -20.37 25.54
N LYS C 40 4.29 -20.50 24.55
CA LYS C 40 5.72 -20.41 24.77
C LYS C 40 6.41 -19.40 23.85
N ALA C 41 5.70 -18.88 22.85
CA ALA C 41 6.34 -17.94 21.93
C ALA C 41 6.76 -16.67 22.70
N PRO C 42 7.96 -16.19 22.42
CA PRO C 42 8.42 -14.92 22.99
C PRO C 42 7.42 -13.82 22.62
N ALA C 43 7.19 -12.87 23.51
CA ALA C 43 6.20 -11.81 23.24
C ALA C 43 6.52 -10.53 24.03
N ASP C 44 5.87 -9.44 23.68
CA ASP C 44 6.04 -8.16 24.38
C ASP C 44 4.67 -7.65 24.83
N PRO C 45 4.30 -7.96 26.08
CA PRO C 45 2.96 -7.65 26.47
C PRO C 45 2.63 -6.17 26.44
N ALA C 46 3.59 -5.33 26.82
CA ALA C 46 3.36 -3.87 26.79
C ALA C 46 3.08 -3.43 25.35
N LEU C 47 3.87 -3.92 24.39
CA LEU C 47 3.63 -3.58 22.99
C LEU C 47 2.27 -4.00 22.50
N LEU C 48 1.96 -5.28 22.74
CA LEU C 48 0.70 -5.85 22.32
C LEU C 48 -0.49 -5.15 22.97
N LEU C 49 -0.44 -4.92 24.29
CA LEU C 49 -1.59 -4.25 24.93
C LEU C 49 -1.66 -2.77 24.49
N GLY C 50 -0.52 -2.17 24.24
CA GLY C 50 -0.47 -0.84 23.61
C GLY C 50 -1.22 -0.73 22.30
N LYS C 51 -1.10 -1.75 21.44
CA LYS C 51 -1.82 -1.78 20.18
C LYS C 51 -3.31 -1.82 20.45
N LEU C 52 -3.76 -2.67 21.35
CA LEU C 52 -5.20 -2.75 21.63
C LEU C 52 -5.69 -1.38 22.06
N ARG C 53 -4.98 -0.77 23.01
CA ARG C 53 -5.39 0.52 23.59
C ARG C 53 -5.41 1.61 22.53
N GLU C 54 -4.34 1.69 21.76
CA GLU C 54 -4.27 2.62 20.63
C GLU C 54 -5.32 2.35 19.52
N ALA C 55 -5.80 1.11 19.41
CA ALA C 55 -6.90 0.82 18.51
C ALA C 55 -8.27 1.22 19.09
N GLY C 56 -8.35 1.47 20.38
CA GLY C 56 -9.60 1.91 20.99
C GLY C 56 -10.14 0.97 22.05
N GLY C 57 -9.39 -0.08 22.37
CA GLY C 57 -9.88 -1.11 23.27
C GLY C 57 -9.11 -1.14 24.56
N ASP C 58 -9.05 -2.32 25.17
CA ASP C 58 -8.29 -2.50 26.38
C ASP C 58 -8.06 -4.00 26.51
N GLY C 59 -7.32 -4.43 27.52
CA GLY C 59 -7.18 -5.87 27.75
C GLY C 59 -6.06 -6.18 28.70
N ALA C 60 -5.65 -7.44 28.72
CA ALA C 60 -4.54 -7.88 29.53
C ALA C 60 -3.90 -9.10 28.89
N PHE C 61 -2.70 -9.42 29.38
CA PHE C 61 -1.93 -10.51 28.85
C PHE C 61 -1.75 -11.65 29.86
N PHE C 62 -1.93 -12.87 29.39
CA PHE C 62 -1.87 -14.06 30.24
C PHE C 62 -0.95 -15.08 29.64
N ARG C 63 -0.25 -15.82 30.48
CA ARG C 63 0.66 -16.84 30.02
C ARG C 63 0.11 -18.20 30.43
N ALA C 64 0.16 -19.18 29.51
CA ALA C 64 -0.28 -20.54 29.81
C ALA C 64 0.12 -21.61 28.77
N ASP C 65 0.49 -22.78 29.29
CA ASP C 65 0.85 -23.91 28.47
C ASP C 65 -0.35 -24.84 28.37
N ILE C 66 -1.45 -24.28 27.86
CA ILE C 66 -2.79 -24.88 27.85
C ILE C 66 -2.92 -26.27 27.16
N THR C 67 -1.83 -26.81 26.61
CA THR C 67 -1.72 -28.26 26.36
C THR C 67 -2.12 -29.09 27.59
N LYS C 68 -1.85 -28.57 28.80
CA LYS C 68 -2.28 -29.23 30.06
C LYS C 68 -3.60 -28.65 30.53
N THR C 69 -4.46 -29.48 31.12
CA THR C 69 -5.78 -29.06 31.58
C THR C 69 -5.71 -28.03 32.68
N ALA C 70 -4.73 -28.20 33.58
CA ALA C 70 -4.50 -27.28 34.72
C ALA C 70 -4.27 -25.87 34.16
N GLU C 71 -3.28 -25.80 33.27
CA GLU C 71 -2.96 -24.60 32.52
C GLU C 71 -4.22 -23.93 31.93
N CYS C 72 -5.13 -24.72 31.35
CA CYS C 72 -6.44 -24.22 30.83
C CYS C 72 -7.37 -23.71 31.95
N GLN C 73 -7.36 -24.33 33.12
CA GLN C 73 -8.19 -23.79 34.19
C GLN C 73 -7.55 -22.53 34.80
N ARG C 74 -6.23 -22.44 34.71
CA ARG C 74 -5.50 -21.27 35.19
C ARG C 74 -5.87 -20.06 34.32
N LEU C 75 -5.81 -20.25 33.00
CA LEU C 75 -6.11 -19.20 32.04
C LEU C 75 -7.48 -18.63 32.29
N VAL C 76 -8.49 -19.50 32.30
CA VAL C 76 -9.86 -19.02 32.43
C VAL C 76 -9.90 -18.25 33.72
N SER C 77 -9.41 -18.86 34.80
CA SER C 77 -9.37 -18.25 36.14
C SER C 77 -8.93 -16.77 36.14
N ALA C 78 -7.70 -16.55 35.73
CA ALA C 78 -7.17 -15.21 35.62
C ALA C 78 -8.15 -14.26 34.90
N PHE C 79 -8.57 -14.62 33.70
CA PHE C 79 -9.41 -13.73 32.90
C PHE C 79 -10.61 -13.28 33.69
N VAL C 80 -11.21 -14.24 34.37
CA VAL C 80 -12.48 -14.00 34.99
C VAL C 80 -12.25 -13.15 36.23
N GLU C 81 -11.15 -13.38 36.95
CA GLU C 81 -10.83 -12.49 38.08
C GLU C 81 -10.72 -11.05 37.56
N ARG C 82 -9.78 -10.85 36.63
CA ARG C 82 -9.48 -9.54 36.05
C ARG C 82 -10.66 -8.82 35.43
N PHE C 83 -11.53 -9.50 34.69
CA PHE C 83 -12.66 -8.80 34.10
C PHE C 83 -14.03 -9.21 34.62
N ASP C 84 -14.08 -10.20 35.52
CA ASP C 84 -15.32 -10.65 36.17
C ASP C 84 -16.31 -11.21 35.13
N GLY C 85 -15.84 -12.17 34.34
CA GLY C 85 -16.70 -12.84 33.34
C GLY C 85 -16.19 -12.86 31.92
N ILE C 86 -16.93 -13.55 31.04
CA ILE C 86 -16.60 -13.72 29.62
C ILE C 86 -17.86 -13.56 28.74
N ASP C 87 -17.73 -12.78 27.67
CA ASP C 87 -18.79 -12.68 26.68
C ASP C 87 -18.45 -13.48 25.43
N VAL C 88 -17.17 -13.60 25.12
CA VAL C 88 -16.74 -14.39 23.98
C VAL C 88 -15.46 -15.15 24.26
N LEU C 89 -15.44 -16.43 23.89
CA LEU C 89 -14.24 -17.18 23.93
C LEU C 89 -13.83 -17.52 22.55
N ILE C 90 -12.58 -17.25 22.24
CA ILE C 90 -12.07 -17.53 20.94
C ILE C 90 -10.96 -18.52 21.12
N ASN C 91 -11.24 -19.78 20.76
CA ASN C 91 -10.25 -20.82 20.82
C ASN C 91 -9.36 -20.76 19.63
N ASN C 92 -8.27 -20.02 19.73
CA ASN C 92 -7.37 -19.92 18.60
C ASN C 92 -6.06 -20.70 18.72
N ALA C 93 -5.66 -21.07 19.93
CA ALA C 93 -4.41 -21.87 20.15
C ALA C 93 -4.43 -23.23 19.47
N GLY C 94 -3.28 -23.66 18.98
CA GLY C 94 -3.16 -24.92 18.25
C GLY C 94 -1.92 -24.90 17.42
N GLY C 95 -1.81 -25.84 16.49
CA GLY C 95 -0.68 -25.88 15.61
C GLY C 95 -0.17 -27.26 15.38
N LEU C 96 0.76 -27.32 14.43
CA LEU C 96 1.31 -28.54 13.86
C LEU C 96 2.07 -29.45 14.84
N ALA C 97 2.85 -28.84 15.74
CA ALA C 97 3.76 -29.57 16.64
C ALA C 97 4.75 -30.45 15.86
N GLY C 98 5.19 -29.96 14.70
CA GLY C 98 6.04 -30.73 13.80
C GLY C 98 5.30 -31.77 12.97
N ARG C 99 5.99 -32.28 11.95
CA ARG C 99 5.44 -33.20 10.98
C ARG C 99 6.01 -34.60 11.22
N SER C 100 5.13 -35.60 11.22
CA SER C 100 5.56 -37.01 11.23
C SER C 100 4.75 -37.89 10.30
N ASN C 101 5.45 -38.62 9.45
CA ASN C 101 4.85 -39.72 8.73
C ASN C 101 4.23 -40.67 9.74
N LEU C 102 3.15 -41.30 9.33
CA LEU C 102 2.36 -42.18 10.21
C LEU C 102 3.23 -43.23 10.91
N GLU C 103 4.19 -43.77 10.20
CA GLU C 103 5.01 -44.84 10.74
C GLU C 103 6.02 -44.38 11.82
N ASN C 104 6.25 -43.07 11.96
CA ASN C 104 7.14 -42.57 13.00
C ASN C 104 6.40 -41.85 14.09
N ILE C 105 5.08 -42.05 14.12
CA ILE C 105 4.24 -41.42 15.13
C ILE C 105 4.16 -42.28 16.39
N ASP C 106 4.70 -41.77 17.50
CA ASP C 106 4.65 -42.48 18.75
C ASP C 106 3.56 -41.87 19.60
N ASP C 107 3.37 -42.41 20.79
CA ASP C 107 2.45 -41.83 21.76
C ASP C 107 2.72 -40.36 22.11
N ALA C 108 3.99 -39.98 22.21
CA ALA C 108 4.35 -38.61 22.65
C ALA C 108 3.74 -37.57 21.71
N PHE C 109 4.08 -37.72 20.42
CA PHE C 109 3.58 -36.94 19.27
C PHE C 109 2.06 -36.88 19.16
N TYR C 110 1.42 -38.06 19.12
CA TYR C 110 -0.04 -38.13 19.10
C TYR C 110 -0.54 -37.26 20.22
N ASP C 111 -0.01 -37.47 21.43
CA ASP C 111 -0.53 -36.77 22.59
C ASP C 111 -0.22 -35.29 22.59
N ARG C 112 0.90 -34.90 21.98
CA ARG C 112 1.27 -33.48 21.94
C ARG C 112 0.35 -32.74 20.98
N VAL C 113 0.19 -33.29 19.77
CA VAL C 113 -0.74 -32.72 18.82
C VAL C 113 -2.16 -32.56 19.40
N MET C 114 -2.62 -33.54 20.18
CA MET C 114 -4.03 -33.56 20.60
C MET C 114 -4.33 -32.83 21.88
N ASP C 115 -3.30 -32.70 22.71
CA ASP C 115 -3.40 -31.82 23.84
C ASP C 115 -3.46 -30.38 23.35
N LEU C 116 -2.64 -30.06 22.36
CA LEU C 116 -2.55 -28.69 21.88
C LEU C 116 -3.84 -28.30 21.13
N ASN C 117 -4.30 -29.20 20.28
CA ASN C 117 -5.46 -28.91 19.43
C ASN C 117 -6.79 -29.39 20.00
N GLY C 118 -6.85 -30.58 20.59
CA GLY C 118 -8.12 -31.06 21.17
C GLY C 118 -8.43 -30.74 22.61
N ARG C 119 -7.62 -31.29 23.51
CA ARG C 119 -7.80 -31.08 24.96
C ARG C 119 -7.87 -29.60 25.33
N SER C 120 -6.92 -28.83 24.83
CA SER C 120 -6.93 -27.36 25.10
C SER C 120 -8.31 -26.79 24.84
N VAL C 121 -8.88 -27.11 23.69
CA VAL C 121 -10.15 -26.50 23.28
C VAL C 121 -11.31 -27.04 24.11
N LEU C 122 -11.31 -28.35 24.35
CA LEU C 122 -12.37 -28.94 25.17
C LEU C 122 -12.40 -28.30 26.55
N MET C 123 -11.21 -28.28 27.16
CA MET C 123 -11.07 -27.77 28.52
C MET C 123 -11.18 -26.26 28.56
N MET C 124 -10.47 -25.54 27.68
CA MET C 124 -10.71 -24.07 27.59
C MET C 124 -12.21 -23.80 27.55
N THR C 125 -12.93 -24.50 26.66
CA THR C 125 -14.38 -24.25 26.51
C THR C 125 -15.25 -24.68 27.70
N LYS C 126 -14.92 -25.84 28.27
CA LYS C 126 -15.62 -26.36 29.45
C LYS C 126 -15.69 -25.35 30.60
N PHE C 127 -14.53 -24.83 30.97
CA PHE C 127 -14.46 -23.89 32.10
C PHE C 127 -15.16 -22.56 31.82
N ALA C 128 -15.22 -22.16 30.55
CA ALA C 128 -15.87 -20.89 30.18
C ALA C 128 -17.36 -20.96 30.29
N ILE C 129 -17.90 -22.13 30.00
CA ILE C 129 -19.33 -22.28 29.83
C ILE C 129 -20.24 -21.58 30.85
N PRO C 130 -19.96 -21.76 32.16
CA PRO C 130 -20.92 -21.16 33.13
C PRO C 130 -20.90 -19.65 33.09
N HIS C 131 -19.72 -19.10 32.84
CA HIS C 131 -19.55 -17.66 32.68
C HIS C 131 -20.22 -17.16 31.38
N LEU C 132 -19.96 -17.86 30.28
CA LEU C 132 -20.69 -17.59 29.02
C LEU C 132 -22.20 -17.62 29.24
N ARG C 133 -22.66 -18.65 29.98
CA ARG C 133 -24.07 -18.79 30.31
C ARG C 133 -24.53 -17.60 31.09
N ALA C 134 -23.74 -17.25 32.10
CA ALA C 134 -24.10 -16.10 32.95
C ALA C 134 -24.27 -14.85 32.11
N SER C 135 -23.30 -14.54 31.26
CA SER C 135 -23.36 -13.27 30.55
C SER C 135 -24.54 -13.21 29.58
N ALA C 136 -24.87 -14.31 28.90
CA ALA C 136 -26.05 -14.31 28.02
C ALA C 136 -27.34 -14.07 28.83
N LYS C 137 -27.43 -14.69 30.01
CA LYS C 137 -28.57 -14.49 30.89
C LYS C 137 -28.71 -13.01 31.29
N ALA C 138 -27.58 -12.39 31.60
CA ALA C 138 -27.57 -10.98 31.99
C ALA C 138 -27.91 -10.05 30.84
N SER C 139 -27.29 -10.29 29.67
CA SER C 139 -27.50 -9.44 28.48
C SER C 139 -28.84 -9.72 27.82
N GLY C 140 -29.28 -10.98 27.91
CA GLY C 140 -30.51 -11.42 27.22
C GLY C 140 -30.33 -11.55 25.71
N THR C 141 -29.11 -11.83 25.28
CA THR C 141 -28.76 -11.94 23.88
C THR C 141 -28.08 -13.29 23.69
N THR C 142 -26.89 -13.30 23.13
CA THR C 142 -26.13 -14.54 23.13
C THR C 142 -24.72 -14.21 23.53
N SER C 143 -24.07 -15.18 24.16
CA SER C 143 -22.66 -15.16 24.25
C SER C 143 -22.18 -16.12 23.15
N ALA C 144 -20.89 -16.13 22.92
CA ALA C 144 -20.31 -16.83 21.77
C ALA C 144 -19.04 -17.56 22.08
N VAL C 145 -18.86 -18.67 21.37
CA VAL C 145 -17.59 -19.29 21.16
C VAL C 145 -17.25 -19.28 19.68
N ILE C 146 -16.01 -19.00 19.38
CA ILE C 146 -15.50 -19.05 18.04
C ILE C 146 -14.23 -19.82 18.17
N SER C 147 -13.98 -20.79 17.30
CA SER C 147 -12.72 -21.46 17.28
C SER C 147 -12.11 -21.37 15.89
N THR C 148 -10.82 -21.51 15.88
CA THR C 148 -10.05 -21.60 14.69
C THR C 148 -9.98 -23.05 14.25
N GLY C 149 -10.58 -23.30 13.10
CA GLY C 149 -10.54 -24.58 12.45
C GLY C 149 -9.49 -24.55 11.38
N SER C 150 -9.69 -25.31 10.31
CA SER C 150 -8.72 -25.38 9.24
C SER C 150 -9.32 -26.05 7.99
N ILE C 151 -8.88 -25.58 6.83
CA ILE C 151 -9.02 -26.32 5.59
C ILE C 151 -8.61 -27.80 5.79
N ALA C 152 -7.58 -28.05 6.62
CA ALA C 152 -7.09 -29.42 6.82
C ALA C 152 -8.10 -30.32 7.54
N ALA C 153 -9.05 -29.69 8.22
CA ALA C 153 -10.19 -30.42 8.78
C ALA C 153 -11.05 -31.12 7.71
N ARG C 154 -11.04 -30.58 6.49
CA ARG C 154 -11.94 -31.06 5.43
C ARG C 154 -11.27 -32.02 4.49
N GLU C 155 -9.99 -31.81 4.18
CA GLU C 155 -9.34 -32.56 3.12
C GLU C 155 -8.03 -33.24 3.54
N GLY C 156 -7.80 -33.40 4.83
CA GLY C 156 -6.72 -34.28 5.31
C GLY C 156 -5.38 -33.66 5.63
N GLY C 157 -5.20 -32.39 5.33
CA GLY C 157 -3.93 -31.72 5.60
C GLY C 157 -2.80 -32.28 4.76
N GLY C 158 -1.59 -31.78 4.99
CA GLY C 158 -0.43 -32.25 4.23
C GLY C 158 0.16 -33.49 4.84
N ILE C 159 1.10 -34.10 4.11
CA ILE C 159 1.77 -35.29 4.58
C ILE C 159 2.63 -34.94 5.78
N GLY C 160 2.47 -35.67 6.88
CA GLY C 160 3.10 -35.35 8.17
C GLY C 160 2.16 -34.68 9.15
N ALA C 161 1.12 -34.04 8.62
CA ALA C 161 0.20 -33.25 9.42
C ALA C 161 -1.07 -34.03 9.69
N GLY C 162 -1.05 -35.33 9.45
CA GLY C 162 -2.23 -36.18 9.68
C GLY C 162 -2.98 -35.96 10.97
N VAL C 163 -2.29 -36.03 12.10
CA VAL C 163 -2.99 -35.93 13.37
C VAL C 163 -3.54 -34.50 13.60
N TYR C 164 -2.82 -33.51 13.13
CA TYR C 164 -3.20 -32.11 13.30
C TYR C 164 -4.52 -31.88 12.52
N ALA C 165 -4.50 -32.31 11.27
CA ALA C 165 -5.65 -32.20 10.38
C ALA C 165 -6.88 -32.85 11.02
N ALA C 166 -6.67 -34.06 11.53
CA ALA C 166 -7.73 -34.81 12.19
C ALA C 166 -8.28 -34.10 13.39
N SER C 167 -7.40 -33.46 14.16
CA SER C 167 -7.80 -32.70 15.32
C SER C 167 -8.66 -31.48 14.97
N LYS C 168 -8.41 -30.87 13.85
CA LYS C 168 -9.34 -29.84 13.36
C LYS C 168 -10.74 -30.37 12.97
N ALA C 169 -10.80 -31.53 12.33
CA ALA C 169 -12.10 -32.16 12.07
C ALA C 169 -12.81 -32.45 13.39
N TRP C 170 -12.04 -32.92 14.37
CA TRP C 170 -12.53 -33.15 15.70
C TRP C 170 -13.22 -31.89 16.22
N LEU C 171 -12.53 -30.76 16.07
CA LEU C 171 -13.04 -29.47 16.55
C LEU C 171 -14.27 -29.08 15.76
N HIS C 172 -14.21 -29.21 14.44
CA HIS C 172 -15.39 -28.84 13.61
C HIS C 172 -16.63 -29.59 14.08
N ASP C 173 -16.47 -30.87 14.43
CA ASP C 173 -17.65 -31.68 14.80
C ASP C 173 -18.08 -31.53 16.27
N ILE C 174 -17.12 -31.38 17.21
CA ILE C 174 -17.54 -31.16 18.61
C ILE C 174 -18.37 -29.87 18.78
N HIS C 175 -18.04 -28.85 18.00
CA HIS C 175 -18.91 -27.69 17.92
C HIS C 175 -20.37 -28.01 17.66
N ARG C 176 -20.60 -28.97 16.74
CA ARG C 176 -21.96 -29.38 16.39
C ARG C 176 -22.62 -29.99 17.59
N ASN C 177 -21.85 -30.74 18.37
CA ASN C 177 -22.37 -31.30 19.62
C ASN C 177 -22.71 -30.17 20.58
N TRP C 178 -21.79 -29.25 20.77
CA TRP C 178 -22.06 -28.14 21.69
C TRP C 178 -23.28 -27.32 21.31
N VAL C 179 -23.60 -27.24 20.01
CA VAL C 179 -24.86 -26.55 19.64
C VAL C 179 -26.08 -27.25 20.26
N LYS C 180 -26.03 -28.56 20.33
CA LYS C 180 -27.15 -29.32 20.87
C LYS C 180 -27.24 -29.14 22.38
N GLU C 181 -26.11 -29.26 23.07
CA GLU C 181 -26.08 -29.18 24.54
C GLU C 181 -26.35 -27.77 25.01
N PHE C 182 -25.73 -26.78 24.36
CA PHE C 182 -25.69 -25.43 24.91
C PHE C 182 -26.48 -24.34 24.26
N THR C 183 -27.21 -24.62 23.18
CA THR C 183 -28.03 -23.58 22.55
C THR C 183 -29.10 -23.12 23.50
N LYS C 184 -29.53 -24.01 24.38
CA LYS C 184 -30.62 -23.60 25.28
C LYS C 184 -30.13 -22.54 26.28
N ASP C 185 -28.82 -22.48 26.50
CA ASP C 185 -28.15 -21.45 27.31
C ASP C 185 -27.79 -20.17 26.53
N SER C 186 -28.27 -20.03 25.29
CA SER C 186 -28.01 -18.86 24.47
C SER C 186 -26.56 -18.64 24.24
N ILE C 187 -25.83 -19.73 24.07
CA ILE C 187 -24.45 -19.63 23.71
C ILE C 187 -24.33 -20.12 22.28
N ARG C 188 -23.71 -19.31 21.43
CA ARG C 188 -23.48 -19.69 20.01
C ARG C 188 -22.09 -20.29 19.84
N PHE C 189 -21.89 -21.03 18.76
CA PHE C 189 -20.62 -21.68 18.48
C PHE C 189 -20.36 -21.61 17.00
N ASN C 190 -19.21 -21.08 16.61
CA ASN C 190 -18.94 -20.99 15.21
C ASN C 190 -17.50 -21.12 15.01
N ILE C 191 -17.14 -21.49 13.79
CA ILE C 191 -15.75 -21.66 13.40
C ILE C 191 -15.30 -20.79 12.22
N VAL C 192 -14.05 -20.36 12.30
CA VAL C 192 -13.33 -19.75 11.19
C VAL C 192 -12.22 -20.71 10.78
N ALA C 193 -12.25 -21.10 9.51
CA ALA C 193 -11.35 -22.09 8.93
C ALA C 193 -10.42 -21.48 7.89
N PRO C 194 -9.23 -21.05 8.32
CA PRO C 194 -8.23 -20.52 7.39
C PRO C 194 -7.76 -21.59 6.48
N GLY C 195 -7.35 -21.20 5.28
CA GLY C 195 -6.63 -22.12 4.40
C GLY C 195 -5.16 -21.93 4.65
N THR C 196 -4.49 -21.37 3.66
CA THR C 196 -3.08 -21.04 3.76
C THR C 196 -2.99 -19.53 4.04
N VAL C 197 -2.20 -19.23 5.07
CA VAL C 197 -2.04 -17.89 5.63
C VAL C 197 -0.55 -17.65 5.90
N ASP C 198 -0.02 -16.51 5.49
CA ASP C 198 1.38 -16.20 5.79
C ASP C 198 1.50 -15.02 6.74
N LYS C 210 5.73 -23.92 -2.05
CA LYS C 210 5.05 -22.69 -1.66
C LYS C 210 4.36 -22.09 -2.88
N THR C 211 5.15 -21.85 -3.93
CA THR C 211 4.63 -21.37 -5.22
C THR C 211 3.70 -22.42 -5.89
N ARG C 212 3.88 -23.70 -5.58
CA ARG C 212 2.94 -24.74 -6.01
C ARG C 212 1.63 -24.56 -5.25
N ILE C 213 1.73 -24.39 -3.93
CA ILE C 213 0.52 -24.26 -3.10
C ILE C 213 -0.32 -23.06 -3.53
N ALA C 214 0.32 -21.95 -3.87
CA ALA C 214 -0.39 -20.80 -4.45
C ALA C 214 -1.12 -21.16 -5.75
N ASN C 215 -0.50 -21.97 -6.60
CA ASN C 215 -1.15 -22.51 -7.81
C ASN C 215 -2.49 -23.15 -7.53
N SER C 216 -2.66 -23.71 -6.34
CA SER C 216 -3.90 -24.38 -5.98
C SER C 216 -4.93 -23.39 -5.41
N ILE C 217 -4.58 -22.12 -5.29
CA ILE C 217 -5.50 -21.14 -4.72
C ILE C 217 -5.98 -20.19 -5.81
N PRO C 218 -7.28 -20.23 -6.14
CA PRO C 218 -7.84 -19.34 -7.14
C PRO C 218 -7.33 -17.88 -7.02
N MET C 219 -7.33 -17.30 -5.84
CA MET C 219 -6.77 -15.95 -5.68
C MET C 219 -5.24 -15.87 -5.78
N GLY C 220 -4.59 -17.01 -5.99
CA GLY C 220 -3.17 -17.02 -6.33
C GLY C 220 -2.20 -16.61 -5.24
N ARG C 221 -2.65 -16.45 -4.00
CA ARG C 221 -1.75 -16.02 -2.93
C ARG C 221 -2.24 -16.48 -1.60
N PHE C 222 -1.34 -16.48 -0.63
CA PHE C 222 -1.73 -16.83 0.74
C PHE C 222 -2.51 -15.67 1.37
N GLY C 223 -3.34 -15.97 2.37
CA GLY C 223 -4.05 -14.92 3.09
C GLY C 223 -3.12 -14.15 4.03
N THR C 224 -3.45 -12.92 4.37
CA THR C 224 -2.79 -12.25 5.50
C THR C 224 -3.64 -12.37 6.79
N VAL C 225 -3.00 -12.23 7.95
CA VAL C 225 -3.75 -12.25 9.19
C VAL C 225 -4.87 -11.17 9.21
N GLN C 226 -4.65 -10.01 8.59
CA GLN C 226 -5.67 -8.94 8.58
C GLN C 226 -6.93 -9.38 7.85
N GLU C 227 -6.76 -10.27 6.87
CA GLU C 227 -7.87 -10.80 6.12
C GLU C 227 -8.64 -11.89 6.85
N LEU C 228 -8.07 -12.46 7.90
CA LEU C 228 -8.81 -13.40 8.71
C LEU C 228 -9.65 -12.73 9.79
N ALA C 229 -9.10 -11.69 10.44
CA ALA C 229 -9.79 -11.07 11.59
C ALA C 229 -11.24 -10.76 11.41
N PRO C 230 -11.68 -10.18 10.26
CA PRO C 230 -13.09 -9.77 10.22
C PRO C 230 -14.15 -10.86 10.41
N ALA C 231 -13.83 -12.07 9.98
CA ALA C 231 -14.73 -13.19 10.13
C ALA C 231 -14.97 -13.47 11.60
N TYR C 232 -13.95 -13.28 12.42
CA TYR C 232 -14.09 -13.47 13.86
C TYR C 232 -14.94 -12.43 14.50
N VAL C 233 -14.73 -11.16 14.10
CA VAL C 233 -15.57 -10.07 14.58
C VAL C 233 -17.02 -10.36 14.29
N PHE C 234 -17.27 -10.84 13.07
CA PHE C 234 -18.62 -11.13 12.63
C PHE C 234 -19.29 -12.14 13.54
N PHE C 235 -18.60 -13.26 13.77
CA PHE C 235 -19.11 -14.32 14.66
C PHE C 235 -19.14 -13.85 16.12
N ALA C 236 -18.24 -12.95 16.49
CA ALA C 236 -18.28 -12.40 17.86
C ALA C 236 -19.52 -11.56 18.17
N SER C 237 -20.14 -10.94 17.15
CA SER C 237 -21.20 -9.95 17.32
C SER C 237 -22.63 -10.51 17.22
N HIS C 238 -23.37 -10.38 18.31
CA HIS C 238 -24.72 -10.89 18.38
C HIS C 238 -25.53 -10.13 17.36
N ALA C 239 -25.27 -8.83 17.25
CA ALA C 239 -25.98 -8.01 16.25
C ALA C 239 -25.85 -8.56 14.84
N ALA C 240 -24.65 -8.94 14.46
CA ALA C 240 -24.34 -9.46 13.13
C ALA C 240 -24.74 -10.94 12.94
N SER C 241 -24.47 -11.76 13.94
CA SER C 241 -24.54 -13.24 13.80
C SER C 241 -25.41 -13.92 14.87
N GLY C 242 -26.36 -13.19 15.43
CA GLY C 242 -27.22 -13.72 16.49
C GLY C 242 -28.05 -14.94 16.16
N TYR C 243 -28.40 -15.11 14.89
CA TYR C 243 -29.12 -16.30 14.45
C TYR C 243 -28.24 -17.35 13.80
N ILE C 244 -26.93 -17.23 13.98
CA ILE C 244 -25.97 -18.08 13.37
C ILE C 244 -25.25 -18.88 14.41
N THR C 245 -25.35 -20.21 14.35
CA THR C 245 -24.58 -21.08 15.24
C THR C 245 -24.42 -22.40 14.52
N GLY C 246 -23.40 -23.12 14.90
CA GLY C 246 -23.07 -24.38 14.27
C GLY C 246 -22.35 -24.25 12.94
N GLN C 247 -21.82 -23.06 12.61
CA GLN C 247 -21.23 -22.83 11.26
C GLN C 247 -19.73 -22.70 11.18
N ILE C 248 -19.22 -22.91 9.99
CA ILE C 248 -17.83 -22.75 9.65
C ILE C 248 -17.74 -21.76 8.50
N LEU C 249 -16.95 -20.70 8.65
CA LEU C 249 -16.69 -19.83 7.51
C LEU C 249 -15.28 -20.07 7.10
N ASP C 250 -15.05 -20.50 5.84
CA ASP C 250 -13.72 -20.80 5.38
C ASP C 250 -13.20 -19.57 4.68
N VAL C 251 -11.99 -19.20 5.07
CA VAL C 251 -11.30 -18.02 4.61
C VAL C 251 -9.98 -18.43 3.96
N ASN C 252 -10.03 -18.61 2.64
CA ASN C 252 -8.95 -19.33 1.94
C ASN C 252 -8.71 -18.96 0.46
N GLY C 253 -9.23 -17.85 -0.05
CA GLY C 253 -8.90 -17.46 -1.43
C GLY C 253 -9.48 -18.40 -2.47
N GLY C 254 -10.55 -19.09 -2.10
CA GLY C 254 -11.16 -20.09 -2.93
C GLY C 254 -10.49 -21.46 -2.89
N GLN C 255 -9.53 -21.68 -1.98
CA GLN C 255 -8.68 -22.91 -1.99
C GLN C 255 -9.48 -24.18 -1.80
N ILE C 256 -10.53 -24.10 -0.99
CA ILE C 256 -11.57 -25.10 -1.02
C ILE C 256 -12.93 -24.42 -0.87
N CYS C 257 -13.87 -24.92 -1.65
CA CYS C 257 -15.23 -24.44 -1.70
C CYS C 257 -16.22 -25.54 -1.28
N PRO C 258 -16.40 -25.74 0.05
CA PRO C 258 -17.14 -26.88 0.60
C PRO C 258 -18.59 -26.94 0.16
N MET D 1 -17.11 -1.51 10.29
CA MET D 1 -16.00 -1.77 9.32
C MET D 1 -16.49 -2.00 7.90
N PHE D 2 -17.70 -1.56 7.63
CA PHE D 2 -18.21 -1.70 6.31
C PHE D 2 -18.27 -0.32 5.68
N SER D 3 -17.41 0.59 6.15
CA SER D 3 -17.36 1.95 5.58
C SER D 3 -16.96 1.94 4.10
N ASP D 4 -16.33 0.84 3.65
CA ASP D 4 -16.02 0.67 2.23
C ASP D 4 -17.24 0.58 1.35
N LEU D 5 -18.43 0.37 1.94
CA LEU D 5 -19.67 0.25 1.20
C LEU D 5 -20.30 1.58 0.71
N LYS D 6 -19.84 2.71 1.24
CA LYS D 6 -20.37 4.01 0.86
C LYS D 6 -20.21 4.22 -0.65
N GLY D 7 -21.32 4.45 -1.32
CA GLY D 7 -21.32 4.75 -2.73
C GLY D 7 -21.24 3.49 -3.58
N LYS D 8 -21.21 2.30 -2.98
CA LYS D 8 -21.12 1.06 -3.78
C LYS D 8 -22.46 0.80 -4.39
N ARG D 9 -22.45 0.36 -5.65
CA ARG D 9 -23.69 0.20 -6.39
C ARG D 9 -24.04 -1.26 -6.36
N ILE D 10 -25.22 -1.55 -5.84
CA ILE D 10 -25.62 -2.90 -5.45
C ILE D 10 -27.00 -3.23 -5.97
N LEU D 11 -26.99 -4.13 -6.92
CA LEU D 11 -28.18 -4.53 -7.56
C LEU D 11 -28.63 -5.72 -6.82
N ILE D 12 -29.83 -5.62 -6.25
CA ILE D 12 -30.41 -6.69 -5.48
C ILE D 12 -31.72 -7.13 -6.10
N THR D 13 -31.68 -8.39 -6.53
CA THR D 13 -32.73 -8.97 -7.24
C THR D 13 -33.75 -9.43 -6.19
N GLY D 14 -35.02 -9.17 -6.42
CA GLY D 14 -36.10 -9.69 -5.57
C GLY D 14 -36.09 -8.96 -4.23
N SER D 15 -35.92 -7.64 -4.28
CA SER D 15 -35.59 -6.86 -3.09
C SER D 15 -36.73 -5.96 -2.64
N SER D 16 -37.91 -6.19 -3.19
CA SER D 16 -39.08 -5.38 -2.88
C SER D 16 -39.63 -5.77 -1.53
N GLN D 17 -39.28 -6.96 -1.04
CA GLN D 17 -39.71 -7.38 0.27
C GLN D 17 -38.79 -8.44 0.86
N GLY D 18 -39.09 -8.91 2.06
CA GLY D 18 -38.32 -9.99 2.70
C GLY D 18 -36.82 -9.75 2.85
N ILE D 19 -36.05 -10.81 2.71
CA ILE D 19 -34.60 -10.79 2.94
C ILE D 19 -33.94 -9.70 2.12
N GLY D 20 -34.37 -9.61 0.86
CA GLY D 20 -33.80 -8.69 -0.08
C GLY D 20 -33.96 -7.25 0.36
N MET D 21 -35.15 -6.90 0.85
CA MET D 21 -35.41 -5.52 1.30
C MET D 21 -34.63 -5.22 2.59
N ALA D 22 -34.63 -6.16 3.54
CA ALA D 22 -33.89 -5.94 4.78
C ALA D 22 -32.40 -5.76 4.50
N THR D 23 -31.90 -6.50 3.51
CA THR D 23 -30.53 -6.35 3.06
C THR D 23 -30.29 -5.00 2.41
N ALA D 24 -31.19 -4.60 1.54
CA ALA D 24 -31.10 -3.32 0.92
C ALA D 24 -30.95 -2.21 1.99
N ILE D 25 -31.79 -2.28 3.03
CA ILE D 25 -31.81 -1.24 4.05
C ILE D 25 -30.51 -1.22 4.82
N GLU D 26 -30.09 -2.40 5.25
CA GLU D 26 -28.85 -2.55 5.97
C GLU D 26 -27.63 -2.06 5.20
N LEU D 27 -27.60 -2.34 3.90
CA LEU D 27 -26.56 -1.82 3.02
C LEU D 27 -26.63 -0.28 2.96
N ALA D 28 -27.85 0.23 2.89
CA ALA D 28 -28.11 1.66 2.85
C ALA D 28 -27.61 2.39 4.09
N ARG D 29 -27.54 1.71 5.22
CA ARG D 29 -27.02 2.31 6.44
C ARG D 29 -25.56 2.65 6.29
N TYR D 30 -24.84 1.98 5.40
CA TYR D 30 -23.45 2.33 5.10
C TYR D 30 -23.26 3.24 3.92
N GLY D 31 -24.35 3.79 3.38
CA GLY D 31 -24.28 4.68 2.22
C GLY D 31 -24.18 4.01 0.87
N ALA D 32 -24.61 2.76 0.77
CA ALA D 32 -24.62 2.09 -0.52
C ALA D 32 -25.71 2.72 -1.39
N VAL D 33 -25.54 2.58 -2.71
CA VAL D 33 -26.60 2.87 -3.66
C VAL D 33 -27.17 1.56 -4.19
N VAL D 34 -28.45 1.32 -3.92
CA VAL D 34 -29.05 0.03 -4.17
C VAL D 34 -30.13 0.07 -5.27
N GLY D 35 -30.07 -0.88 -6.21
CA GLY D 35 -31.13 -1.11 -7.14
C GLY D 35 -32.07 -2.15 -6.57
N LEU D 36 -33.31 -1.73 -6.31
CA LEU D 36 -34.31 -2.59 -5.79
C LEU D 36 -35.06 -3.10 -6.99
N HIS D 37 -35.67 -4.26 -6.85
CA HIS D 37 -36.28 -4.92 -7.98
C HIS D 37 -37.46 -5.75 -7.52
N GLY D 38 -38.54 -5.73 -8.30
CA GLY D 38 -39.71 -6.55 -8.04
C GLY D 38 -40.13 -7.33 -9.27
N ARG D 39 -40.92 -8.39 -9.05
CA ARG D 39 -41.24 -9.34 -10.12
C ARG D 39 -42.65 -9.05 -10.59
N LYS D 40 -43.64 -9.67 -9.95
CA LYS D 40 -45.02 -9.21 -10.07
C LYS D 40 -45.60 -8.95 -8.68
N ALA D 41 -44.75 -8.93 -7.65
CA ALA D 41 -45.22 -8.71 -6.30
C ALA D 41 -45.61 -7.22 -6.12
N PRO D 42 -46.78 -6.99 -5.52
CA PRO D 42 -47.24 -5.60 -5.28
C PRO D 42 -46.23 -4.86 -4.41
N ALA D 43 -45.99 -3.58 -4.67
CA ALA D 43 -44.97 -2.85 -3.89
C ALA D 43 -45.19 -1.33 -3.91
N ASP D 44 -44.46 -0.61 -3.06
CA ASP D 44 -44.56 0.86 -2.99
C ASP D 44 -43.16 1.45 -3.11
N PRO D 45 -42.77 1.77 -4.35
CA PRO D 45 -41.39 2.17 -4.57
C PRO D 45 -41.00 3.40 -3.76
N ALA D 46 -41.90 4.36 -3.68
CA ALA D 46 -41.59 5.59 -2.93
C ALA D 46 -41.32 5.21 -1.48
N LEU D 47 -42.15 4.33 -0.91
CA LEU D 47 -41.96 3.90 0.48
C LEU D 47 -40.65 3.21 0.67
N LEU D 48 -40.37 2.26 -0.22
CA LEU D 48 -39.17 1.48 -0.15
C LEU D 48 -37.93 2.33 -0.36
N LEU D 49 -37.91 3.18 -1.37
CA LEU D 49 -36.71 4.01 -1.59
C LEU D 49 -36.53 5.04 -0.46
N GLY D 50 -37.65 5.50 0.11
CA GLY D 50 -37.61 6.39 1.27
C GLY D 50 -36.90 5.80 2.47
N LYS D 51 -37.14 4.51 2.72
CA LYS D 51 -36.45 3.82 3.79
C LYS D 51 -34.98 3.80 3.46
N LEU D 52 -34.62 3.47 2.23
CA LEU D 52 -33.19 3.46 1.90
C LEU D 52 -32.60 4.83 2.20
N ARG D 53 -33.22 5.88 1.65
CA ARG D 53 -32.70 7.25 1.82
C ARG D 53 -32.64 7.69 3.29
N GLU D 54 -33.70 7.41 4.04
CA GLU D 54 -33.71 7.65 5.47
C GLU D 54 -32.73 6.77 6.27
N ALA D 55 -32.28 5.66 5.70
CA ALA D 55 -31.24 4.86 6.36
C ALA D 55 -29.83 5.44 6.10
N GLY D 56 -29.69 6.28 5.09
CA GLY D 56 -28.41 6.91 4.79
C GLY D 56 -27.93 6.63 3.39
N GLY D 57 -28.73 5.94 2.59
CA GLY D 57 -28.28 5.47 1.28
C GLY D 57 -29.09 6.13 0.19
N ASP D 58 -29.20 5.42 -0.94
CA ASP D 58 -29.96 5.90 -2.07
C ASP D 58 -30.23 4.67 -2.95
N GLY D 59 -30.98 4.83 -4.01
CA GLY D 59 -31.21 3.71 -4.92
C GLY D 59 -32.28 4.03 -5.93
N ALA D 60 -32.73 3.00 -6.64
CA ALA D 60 -33.91 3.12 -7.50
C ALA D 60 -34.62 1.80 -7.53
N PHE D 61 -35.81 1.84 -8.11
CA PHE D 61 -36.64 0.67 -8.19
C PHE D 61 -36.87 0.23 -9.63
N PHE D 62 -36.76 -1.07 -9.84
CA PHE D 62 -36.82 -1.66 -11.17
C PHE D 62 -37.80 -2.82 -11.20
N ARG D 63 -38.58 -2.94 -12.27
CA ARG D 63 -39.59 -3.99 -12.39
C ARG D 63 -39.19 -4.98 -13.49
N ALA D 64 -39.21 -6.29 -13.18
CA ALA D 64 -38.87 -7.33 -14.17
C ALA D 64 -39.28 -8.76 -13.77
N ASP D 65 -39.74 -9.54 -14.76
CA ASP D 65 -40.11 -10.93 -14.54
C ASP D 65 -38.97 -11.84 -14.97
N ILE D 66 -37.82 -11.63 -14.32
CA ILE D 66 -36.52 -12.29 -14.58
C ILE D 66 -36.53 -13.83 -14.64
N THR D 67 -37.71 -14.41 -14.49
CA THR D 67 -38.04 -15.75 -14.99
C THR D 67 -37.74 -15.87 -16.49
N LYS D 68 -37.75 -14.75 -17.22
CA LYS D 68 -37.28 -14.69 -18.64
C LYS D 68 -35.89 -14.10 -18.77
N THR D 69 -35.11 -14.57 -19.75
CA THR D 69 -33.74 -14.06 -19.99
C THR D 69 -33.73 -12.61 -20.42
N ALA D 70 -34.77 -12.22 -21.17
CA ALA D 70 -34.90 -10.84 -21.69
C ALA D 70 -35.20 -9.90 -20.52
N GLU D 71 -36.19 -10.30 -19.73
CA GLU D 71 -36.47 -9.69 -18.44
C GLU D 71 -35.18 -9.47 -17.62
N CYS D 72 -34.33 -10.50 -17.51
CA CYS D 72 -32.99 -10.39 -16.86
C CYS D 72 -32.06 -9.44 -17.61
N GLN D 73 -32.17 -9.42 -18.93
CA GLN D 73 -31.32 -8.56 -19.73
C GLN D 73 -31.68 -7.10 -19.50
N ARG D 74 -32.95 -6.88 -19.21
CA ARG D 74 -33.48 -5.55 -19.13
C ARG D 74 -33.14 -4.97 -17.75
N LEU D 75 -33.37 -5.78 -16.71
CA LEU D 75 -33.05 -5.38 -15.35
C LEU D 75 -31.63 -4.90 -15.28
N VAL D 76 -30.69 -5.71 -15.78
CA VAL D 76 -29.28 -5.32 -15.72
C VAL D 76 -29.08 -4.03 -16.48
N SER D 77 -29.75 -3.93 -17.64
CA SER D 77 -29.67 -2.76 -18.52
C SER D 77 -30.00 -1.47 -17.76
N ALA D 78 -31.22 -1.46 -17.24
CA ALA D 78 -31.73 -0.33 -16.49
C ALA D 78 -30.79 0.08 -15.37
N PHE D 79 -30.29 -0.88 -14.59
CA PHE D 79 -29.43 -0.55 -13.45
C PHE D 79 -28.21 0.21 -13.90
N VAL D 80 -27.62 -0.25 -14.99
CA VAL D 80 -26.36 0.33 -15.46
C VAL D 80 -26.65 1.66 -16.14
N GLU D 81 -27.77 1.74 -16.86
CA GLU D 81 -28.27 3.03 -17.34
C GLU D 81 -28.20 4.02 -16.16
N ARG D 82 -28.94 3.69 -15.11
CA ARG D 82 -29.17 4.61 -13.99
C ARG D 82 -27.92 4.90 -13.15
N PHE D 83 -27.06 3.92 -12.87
CA PHE D 83 -25.89 4.20 -12.03
C PHE D 83 -24.55 4.00 -12.72
N ASP D 84 -24.56 3.53 -13.98
CA ASP D 84 -23.35 3.37 -14.81
C ASP D 84 -22.36 2.38 -14.18
N GLY D 85 -22.83 1.17 -13.93
CA GLY D 85 -21.98 0.12 -13.35
C GLY D 85 -22.57 -0.60 -12.16
N ILE D 86 -21.86 -1.66 -11.77
CA ILE D 86 -22.24 -2.56 -10.66
C ILE D 86 -20.97 -2.88 -9.85
N ASP D 87 -21.05 -2.71 -8.54
CA ASP D 87 -19.98 -3.20 -7.68
C ASP D 87 -20.38 -4.52 -7.02
N VAL D 88 -21.68 -4.74 -6.82
CA VAL D 88 -22.15 -5.96 -6.19
C VAL D 88 -23.48 -6.42 -6.75
N LEU D 89 -23.55 -7.70 -7.15
CA LEU D 89 -24.78 -8.27 -7.59
C LEU D 89 -25.22 -9.21 -6.53
N ILE D 90 -26.47 -9.06 -6.10
CA ILE D 90 -27.02 -9.96 -5.12
C ILE D 90 -28.17 -10.67 -5.75
N ASN D 91 -27.98 -11.98 -6.03
CA ASN D 91 -29.02 -12.79 -6.62
C ASN D 91 -29.95 -13.30 -5.57
N ASN D 92 -30.97 -12.53 -5.24
CA ASN D 92 -31.94 -12.98 -4.25
C ASN D 92 -33.32 -13.51 -4.72
N ALA D 93 -33.70 -13.31 -5.97
CA ALA D 93 -35.02 -13.75 -6.49
C ALA D 93 -35.06 -15.25 -6.59
N GLY D 94 -36.23 -15.81 -6.33
CA GLY D 94 -36.43 -17.24 -6.37
C GLY D 94 -37.69 -17.54 -5.62
N GLY D 95 -37.91 -18.82 -5.34
CA GLY D 95 -39.02 -19.19 -4.53
C GLY D 95 -39.64 -20.46 -5.02
N LEU D 96 -40.56 -20.95 -4.20
CA LEU D 96 -41.17 -22.26 -4.33
C LEU D 96 -41.93 -22.50 -5.63
N ALA D 97 -42.65 -21.45 -6.07
CA ALA D 97 -43.60 -21.56 -7.18
C ALA D 97 -44.67 -22.63 -6.92
N GLY D 98 -45.06 -22.79 -5.64
CA GLY D 98 -45.95 -23.87 -5.23
C GLY D 98 -45.32 -25.25 -5.19
N ARG D 99 -46.08 -26.20 -4.64
CA ARG D 99 -45.60 -27.54 -4.35
C ARG D 99 -46.20 -28.58 -5.27
N SER D 100 -45.40 -29.59 -5.63
CA SER D 100 -45.92 -30.76 -6.32
C SER D 100 -45.15 -32.03 -5.99
N ASN D 101 -45.88 -33.06 -5.57
CA ASN D 101 -45.31 -34.39 -5.57
C ASN D 101 -44.74 -34.66 -6.95
N LEU D 102 -43.65 -35.41 -7.00
CA LEU D 102 -42.92 -35.67 -8.24
C LEU D 102 -43.81 -36.20 -9.38
N GLU D 103 -44.78 -37.02 -9.02
CA GLU D 103 -45.67 -37.61 -10.02
C GLU D 103 -46.55 -36.57 -10.73
N ASN D 104 -46.88 -35.47 -10.04
CA ASN D 104 -47.67 -34.42 -10.69
C ASN D 104 -46.82 -33.35 -11.30
N ILE D 105 -45.51 -33.50 -11.21
CA ILE D 105 -44.63 -32.56 -11.88
C ILE D 105 -44.72 -32.74 -13.39
N ASP D 106 -45.38 -31.78 -14.05
CA ASP D 106 -45.35 -31.73 -15.50
C ASP D 106 -44.23 -30.80 -15.86
N ASP D 107 -44.02 -30.61 -17.16
CA ASP D 107 -43.02 -29.64 -17.64
C ASP D 107 -43.28 -28.23 -17.09
N ALA D 108 -44.40 -27.60 -17.50
CA ALA D 108 -44.73 -26.23 -17.03
C ALA D 108 -44.04 -25.89 -15.69
N PHE D 109 -44.33 -26.74 -14.70
CA PHE D 109 -43.82 -26.64 -13.32
C PHE D 109 -42.29 -26.69 -13.20
N TYR D 110 -41.67 -27.76 -13.72
CA TYR D 110 -40.20 -27.87 -13.77
C TYR D 110 -39.65 -26.60 -14.32
N ASP D 111 -40.23 -26.13 -15.42
CA ASP D 111 -39.69 -24.96 -16.10
C ASP D 111 -39.95 -23.69 -15.32
N ARG D 112 -41.08 -23.62 -14.61
CA ARG D 112 -41.37 -22.46 -13.79
C ARG D 112 -40.30 -22.32 -12.71
N VAL D 113 -40.11 -23.39 -11.95
CA VAL D 113 -39.11 -23.39 -10.89
C VAL D 113 -37.70 -23.04 -11.38
N MET D 114 -37.25 -23.63 -12.49
CA MET D 114 -35.85 -23.43 -12.93
C MET D 114 -35.58 -22.14 -13.62
N ASP D 115 -36.63 -21.56 -14.17
CA ASP D 115 -36.47 -20.24 -14.68
C ASP D 115 -36.37 -19.26 -13.54
N LEU D 116 -37.15 -19.47 -12.50
CA LEU D 116 -37.17 -18.53 -11.38
C LEU D 116 -35.85 -18.63 -10.59
N ASN D 117 -35.43 -19.87 -10.33
CA ASN D 117 -34.25 -20.11 -9.49
C ASN D 117 -32.93 -20.33 -10.23
N GLY D 118 -32.93 -20.95 -11.40
CA GLY D 118 -31.68 -21.18 -12.15
C GLY D 118 -31.32 -20.21 -13.24
N ARG D 119 -32.18 -20.16 -14.27
CA ARG D 119 -32.00 -19.25 -15.41
C ARG D 119 -31.83 -17.81 -14.96
N SER D 120 -32.74 -17.37 -14.12
CA SER D 120 -32.65 -15.98 -13.60
C SER D 120 -31.23 -15.72 -13.10
N VAL D 121 -30.72 -16.61 -12.25
CA VAL D 121 -29.40 -16.40 -11.63
C VAL D 121 -28.28 -16.51 -12.67
N LEU D 122 -28.38 -17.52 -13.53
CA LEU D 122 -27.33 -17.67 -14.57
C LEU D 122 -27.24 -16.40 -15.44
N MET D 123 -28.40 -15.95 -15.91
CA MET D 123 -28.48 -14.79 -16.80
C MET D 123 -28.22 -13.45 -16.06
N MET D 124 -28.89 -13.21 -14.94
CA MET D 124 -28.54 -12.02 -14.13
C MET D 124 -27.04 -11.93 -13.98
N THR D 125 -26.41 -13.04 -13.55
CA THR D 125 -24.97 -13.03 -13.31
C THR D 125 -24.11 -12.84 -14.57
N LYS D 126 -24.54 -13.45 -15.66
CA LYS D 126 -23.80 -13.35 -16.93
C LYS D 126 -23.63 -11.91 -17.42
N PHE D 127 -24.74 -11.18 -17.46
CA PHE D 127 -24.73 -9.80 -17.99
C PHE D 127 -23.99 -8.83 -17.09
N ALA D 128 -23.94 -9.13 -15.79
CA ALA D 128 -23.23 -8.28 -14.84
C ALA D 128 -21.73 -8.41 -14.95
N ILE D 129 -21.27 -9.60 -15.32
CA ILE D 129 -19.86 -9.89 -15.27
C ILE D 129 -18.93 -8.82 -15.79
N PRO D 130 -19.21 -8.29 -17.01
CA PRO D 130 -18.25 -7.32 -17.57
C PRO D 130 -18.22 -6.04 -16.75
N HIS D 131 -19.37 -5.67 -16.23
CA HIS D 131 -19.47 -4.49 -15.33
C HIS D 131 -18.79 -4.78 -13.99
N LEU D 132 -19.04 -5.97 -13.42
CA LEU D 132 -18.32 -6.43 -12.21
C LEU D 132 -16.80 -6.42 -12.44
N ARG D 133 -16.39 -7.01 -13.56
CA ARG D 133 -14.99 -6.99 -13.94
C ARG D 133 -14.48 -5.58 -14.03
N ALA D 134 -15.24 -4.73 -14.70
CA ALA D 134 -14.79 -3.34 -14.87
C ALA D 134 -14.61 -2.69 -13.53
N SER D 135 -15.62 -2.81 -12.68
CA SER D 135 -15.61 -2.22 -11.35
C SER D 135 -14.40 -2.65 -10.54
N ALA D 136 -14.13 -3.96 -10.47
CA ALA D 136 -12.93 -4.45 -9.79
C ALA D 136 -11.65 -3.84 -10.35
N LYS D 137 -11.55 -3.75 -11.68
CA LYS D 137 -10.35 -3.20 -12.30
C LYS D 137 -10.15 -1.71 -11.93
N ALA D 138 -11.21 -0.94 -11.88
CA ALA D 138 -11.09 0.49 -11.51
C ALA D 138 -10.70 0.69 -10.05
N SER D 139 -11.28 -0.12 -9.15
CA SER D 139 -11.01 0.00 -7.71
C SER D 139 -9.69 -0.62 -7.29
N GLY D 140 -9.28 -1.69 -7.98
CA GLY D 140 -8.08 -2.45 -7.59
C GLY D 140 -8.32 -3.42 -6.43
N THR D 141 -9.58 -3.65 -6.09
CA THR D 141 -9.93 -4.51 -4.98
C THR D 141 -10.67 -5.71 -5.54
N THR D 142 -11.90 -5.95 -5.11
CA THR D 142 -12.72 -7.00 -5.70
C THR D 142 -14.12 -6.46 -5.82
N SER D 143 -14.84 -6.93 -6.81
CA SER D 143 -16.27 -6.79 -6.86
C SER D 143 -16.85 -8.14 -6.41
N ALA D 144 -18.16 -8.19 -6.21
CA ALA D 144 -18.80 -9.33 -5.56
C ALA D 144 -20.13 -9.77 -6.13
N VAL D 145 -20.33 -11.09 -6.16
CA VAL D 145 -21.64 -11.67 -6.31
C VAL D 145 -22.03 -12.36 -4.99
N ILE D 146 -23.28 -12.27 -4.64
CA ILE D 146 -23.81 -12.93 -3.47
C ILE D 146 -25.16 -13.42 -3.89
N SER D 147 -25.44 -14.70 -3.65
CA SER D 147 -26.73 -15.25 -3.99
C SER D 147 -27.36 -15.86 -2.74
N THR D 148 -28.66 -15.91 -2.77
CA THR D 148 -29.44 -16.51 -1.73
C THR D 148 -29.56 -17.97 -2.08
N GLY D 149 -29.00 -18.81 -1.21
CA GLY D 149 -29.09 -20.25 -1.32
C GLY D 149 -30.16 -20.72 -0.41
N SER D 150 -30.03 -21.93 0.12
CA SER D 150 -31.03 -22.51 1.01
C SER D 150 -30.50 -23.73 1.76
N ILE D 151 -30.93 -23.87 3.01
CA ILE D 151 -30.82 -25.14 3.71
C ILE D 151 -31.31 -26.28 2.78
N ALA D 152 -32.31 -26.01 1.92
CA ALA D 152 -32.84 -27.07 1.05
C ALA D 152 -31.85 -27.55 -0.01
N ALA D 153 -30.86 -26.73 -0.31
CA ALA D 153 -29.78 -27.15 -1.20
C ALA D 153 -28.98 -28.34 -0.63
N ARG D 154 -28.95 -28.45 0.70
CA ARG D 154 -28.14 -29.46 1.39
C ARG D 154 -28.89 -30.74 1.70
N GLU D 155 -30.15 -30.64 2.08
CA GLU D 155 -30.86 -31.80 2.60
C GLU D 155 -32.20 -32.10 1.93
N GLY D 156 -32.47 -31.56 0.75
CA GLY D 156 -33.61 -32.04 -0.05
C GLY D 156 -34.89 -31.22 -0.03
N GLY D 157 -35.08 -30.41 1.00
CA GLY D 157 -36.28 -29.59 1.11
C GLY D 157 -37.49 -30.39 1.54
N GLY D 158 -38.64 -29.72 1.59
CA GLY D 158 -39.87 -30.41 1.99
C GLY D 158 -40.44 -31.21 0.85
N ILE D 159 -41.38 -32.09 1.18
CA ILE D 159 -42.09 -32.86 0.18
C ILE D 159 -42.89 -31.88 -0.68
N GLY D 160 -42.72 -31.97 -1.99
CA GLY D 160 -43.33 -31.01 -2.93
C GLY D 160 -42.39 -29.95 -3.43
N ALA D 161 -41.28 -29.74 -2.72
CA ALA D 161 -40.32 -28.70 -3.05
C ALA D 161 -39.06 -29.30 -3.64
N GLY D 162 -39.11 -30.55 -4.10
CA GLY D 162 -37.93 -31.20 -4.67
C GLY D 162 -37.18 -30.40 -5.70
N VAL D 163 -37.91 -29.85 -6.67
CA VAL D 163 -37.24 -29.17 -7.76
C VAL D 163 -36.64 -27.83 -7.27
N TYR D 164 -37.32 -27.15 -6.38
CA TYR D 164 -36.81 -25.90 -5.82
C TYR D 164 -35.51 -26.18 -5.00
N ALA D 165 -35.56 -27.20 -4.17
CA ALA D 165 -34.40 -27.59 -3.36
C ALA D 165 -33.20 -27.86 -4.27
N ALA D 166 -33.43 -28.67 -5.30
CA ALA D 166 -32.39 -28.96 -6.31
C ALA D 166 -31.85 -27.75 -6.98
N SER D 167 -32.72 -26.79 -7.33
CA SER D 167 -32.24 -25.57 -7.96
C SER D 167 -31.32 -24.79 -7.04
N LYS D 168 -31.55 -24.86 -5.74
CA LYS D 168 -30.59 -24.26 -4.81
C LYS D 168 -29.24 -24.97 -4.73
N ALA D 169 -29.25 -26.30 -4.78
CA ALA D 169 -27.98 -27.04 -4.88
C ALA D 169 -27.26 -26.68 -6.16
N TRP D 170 -28.05 -26.54 -7.24
CA TRP D 170 -27.56 -26.12 -8.51
C TRP D 170 -26.82 -24.78 -8.33
N LEU D 171 -27.44 -23.84 -7.63
CA LEU D 171 -26.82 -22.52 -7.40
C LEU D 171 -25.57 -22.66 -6.56
N HIS D 172 -25.66 -23.41 -5.45
CA HIS D 172 -24.45 -23.59 -4.60
C HIS D 172 -23.25 -24.08 -5.41
N ASP D 173 -23.48 -24.99 -6.35
CA ASP D 173 -22.35 -25.54 -7.13
C ASP D 173 -21.90 -24.68 -8.31
N ILE D 174 -22.82 -24.01 -9.03
CA ILE D 174 -22.37 -23.11 -10.10
C ILE D 174 -21.47 -21.99 -9.57
N HIS D 175 -21.75 -21.53 -8.37
CA HIS D 175 -20.82 -20.61 -7.72
C HIS D 175 -19.39 -21.09 -7.70
N ARG D 176 -19.21 -22.39 -7.38
CA ARG D 176 -17.89 -23.00 -7.34
C ARG D 176 -17.24 -22.97 -8.71
N ASN D 177 -18.03 -23.19 -9.74
CA ASN D 177 -17.53 -23.05 -11.12
C ASN D 177 -17.14 -21.61 -11.35
N TRP D 178 -18.04 -20.70 -11.04
CA TRP D 178 -17.71 -19.28 -11.28
C TRP D 178 -16.45 -18.85 -10.56
N VAL D 179 -16.13 -19.47 -9.42
CA VAL D 179 -14.84 -19.14 -8.77
C VAL D 179 -13.65 -19.50 -9.67
N LYS D 180 -13.78 -20.60 -10.39
CA LYS D 180 -12.70 -21.02 -11.29
C LYS D 180 -12.58 -20.08 -12.49
N GLU D 181 -13.70 -19.71 -13.11
CA GLU D 181 -13.66 -18.85 -14.30
C GLU D 181 -13.26 -17.42 -13.95
N PHE D 182 -13.84 -16.86 -12.88
CA PHE D 182 -13.80 -15.40 -12.66
C PHE D 182 -12.94 -14.83 -11.56
N THR D 183 -12.29 -15.68 -10.74
CA THR D 183 -11.36 -15.18 -9.73
C THR D 183 -10.24 -14.36 -10.38
N LYS D 184 -9.88 -14.71 -11.62
CA LYS D 184 -8.81 -13.97 -12.31
C LYS D 184 -9.23 -12.53 -12.56
N ASP D 185 -10.54 -12.31 -12.66
CA ASP D 185 -11.18 -10.98 -12.81
C ASP D 185 -11.43 -10.22 -11.48
N SER D 186 -10.97 -10.78 -10.36
CA SER D 186 -11.14 -10.18 -9.05
C SER D 186 -12.58 -10.02 -8.68
N ILE D 187 -13.40 -10.98 -9.08
CA ILE D 187 -14.79 -11.01 -8.69
C ILE D 187 -14.93 -12.15 -7.70
N ARG D 188 -15.56 -11.88 -6.56
CA ARG D 188 -15.80 -12.92 -5.54
C ARG D 188 -17.23 -13.44 -5.67
N PHE D 189 -17.50 -14.61 -5.12
CA PHE D 189 -18.80 -15.24 -5.19
C PHE D 189 -19.07 -15.96 -3.88
N ASN D 190 -20.21 -15.67 -3.27
CA ASN D 190 -20.50 -16.25 -1.99
C ASN D 190 -21.95 -16.35 -1.82
N ILE D 191 -22.33 -17.23 -0.92
CA ILE D 191 -23.73 -17.49 -0.68
C ILE D 191 -24.17 -17.37 0.77
N VAL D 192 -25.40 -16.90 0.93
CA VAL D 192 -26.12 -16.91 2.20
C VAL D 192 -27.27 -17.87 2.04
N ALA D 193 -27.32 -18.83 2.96
CA ALA D 193 -28.24 -19.93 2.94
C ALA D 193 -29.12 -19.90 4.18
N PRO D 194 -30.26 -19.20 4.08
CA PRO D 194 -31.28 -19.18 5.11
C PRO D 194 -31.80 -20.56 5.38
N GLY D 195 -32.21 -20.81 6.62
CA GLY D 195 -33.00 -22.00 6.90
C GLY D 195 -34.45 -21.61 6.83
N THR D 196 -35.09 -21.58 7.99
CA THR D 196 -36.47 -21.17 8.07
C THR D 196 -36.52 -19.74 8.63
N VAL D 197 -37.30 -18.93 7.93
CA VAL D 197 -37.36 -17.47 8.07
C VAL D 197 -38.81 -17.03 7.96
N ASP D 198 -39.27 -16.13 8.82
CA ASP D 198 -40.62 -15.58 8.69
C ASP D 198 -40.67 -14.07 8.79
N LYS D 210 -45.39 -26.33 11.93
CA LYS D 210 -44.71 -25.03 12.10
C LYS D 210 -44.08 -24.95 13.48
N THR D 211 -44.90 -25.08 14.52
CA THR D 211 -44.38 -25.24 15.88
C THR D 211 -43.99 -26.70 16.15
N ARG D 212 -43.72 -27.44 15.06
CA ARG D 212 -42.91 -28.67 15.09
C ARG D 212 -41.63 -28.51 14.25
N ILE D 213 -41.68 -27.72 13.18
CA ILE D 213 -40.44 -27.32 12.46
C ILE D 213 -39.54 -26.53 13.40
N ALA D 214 -40.13 -25.63 14.19
CA ALA D 214 -39.38 -24.95 15.25
C ALA D 214 -38.62 -25.94 16.14
N ASN D 215 -39.24 -27.06 16.48
CA ASN D 215 -38.63 -28.08 17.35
C ASN D 215 -37.39 -28.72 16.75
N SER D 216 -37.26 -28.67 15.44
CA SER D 216 -36.04 -29.12 14.79
C SER D 216 -34.95 -28.03 14.74
N ILE D 217 -35.20 -26.86 15.33
CA ILE D 217 -34.21 -25.78 15.31
C ILE D 217 -33.70 -25.54 16.73
N PRO D 218 -32.41 -25.80 16.97
CA PRO D 218 -31.76 -25.56 18.26
C PRO D 218 -32.19 -24.24 18.90
N MET D 219 -32.18 -23.14 18.15
CA MET D 219 -32.67 -21.85 18.72
C MET D 219 -34.19 -21.76 18.87
N GLY D 220 -34.91 -22.80 18.47
CA GLY D 220 -36.32 -22.93 18.81
C GLY D 220 -37.25 -21.96 18.12
N ARG D 221 -36.78 -21.24 17.10
CA ARG D 221 -37.64 -20.31 16.39
C ARG D 221 -37.16 -20.09 15.00
N PHE D 222 -38.03 -19.52 14.18
CA PHE D 222 -37.64 -19.12 12.83
C PHE D 222 -36.79 -17.85 12.88
N GLY D 223 -35.99 -17.59 11.86
CA GLY D 223 -35.21 -16.36 11.79
C GLY D 223 -36.04 -15.17 11.32
N THR D 224 -35.60 -13.95 11.60
CA THR D 224 -36.22 -12.80 10.96
C THR D 224 -35.35 -12.28 9.81
N VAL D 225 -35.94 -11.51 8.92
CA VAL D 225 -35.18 -10.98 7.83
C VAL D 225 -34.03 -10.08 8.33
N GLN D 226 -34.22 -9.41 9.46
CA GLN D 226 -33.19 -8.51 10.02
C GLN D 226 -31.96 -9.30 10.40
N GLU D 227 -32.20 -10.51 10.85
CA GLU D 227 -31.13 -11.40 11.20
C GLU D 227 -30.41 -12.01 9.99
N LEU D 228 -30.99 -11.98 8.80
CA LEU D 228 -30.28 -12.43 7.62
C LEU D 228 -29.40 -11.36 6.98
N ALA D 229 -29.87 -10.11 6.98
CA ALA D 229 -29.14 -9.07 6.26
C ALA D 229 -27.65 -8.94 6.57
N PRO D 230 -27.20 -9.09 7.85
CA PRO D 230 -25.77 -8.83 8.05
C PRO D 230 -24.79 -9.69 7.31
N ALA D 231 -25.19 -10.93 7.02
CA ALA D 231 -24.33 -11.85 6.33
C ALA D 231 -24.07 -11.35 4.94
N TYR D 232 -25.07 -10.69 4.34
CA TYR D 232 -24.90 -10.12 2.99
C TYR D 232 -23.96 -8.95 3.00
N VAL D 233 -24.15 -8.05 3.97
CA VAL D 233 -23.22 -6.96 4.16
C VAL D 233 -21.84 -7.49 4.23
N PHE D 234 -21.66 -8.59 5.00
CA PHE D 234 -20.35 -9.12 5.24
C PHE D 234 -19.71 -9.53 3.94
N PHE D 235 -20.42 -10.33 3.15
CA PHE D 235 -19.90 -10.78 1.84
C PHE D 235 -19.81 -9.64 0.82
N ALA D 236 -20.60 -8.58 1.02
CA ALA D 236 -20.55 -7.44 0.08
C ALA D 236 -19.28 -6.61 0.22
N SER D 237 -18.62 -6.64 1.39
CA SER D 237 -17.53 -5.75 1.71
C SER D 237 -16.15 -6.38 1.50
N HIS D 238 -15.39 -5.80 0.57
CA HIS D 238 -14.06 -6.27 0.29
C HIS D 238 -13.26 -6.18 1.59
N ALA D 239 -13.45 -5.09 2.32
CA ALA D 239 -12.74 -4.93 3.58
C ALA D 239 -12.91 -6.11 4.54
N ALA D 240 -14.14 -6.58 4.68
CA ALA D 240 -14.48 -7.69 5.57
C ALA D 240 -14.14 -9.06 4.96
N SER D 241 -14.45 -9.24 3.68
CA SER D 241 -14.46 -10.58 3.06
C SER D 241 -13.65 -10.69 1.76
N GLY D 242 -12.66 -9.82 1.63
CA GLY D 242 -11.80 -9.79 0.45
C GLY D 242 -11.06 -11.07 0.08
N TYR D 243 -10.68 -11.87 1.07
CA TYR D 243 -10.03 -13.16 0.80
C TYR D 243 -11.02 -14.30 0.89
N ILE D 244 -12.32 -14.02 0.82
CA ILE D 244 -13.35 -15.02 0.93
C ILE D 244 -14.11 -15.17 -0.36
N THR D 245 -13.98 -16.32 -1.01
CA THR D 245 -14.82 -16.61 -2.17
C THR D 245 -15.10 -18.09 -2.22
N GLY D 246 -16.16 -18.45 -2.92
CA GLY D 246 -16.58 -19.84 -3.00
C GLY D 246 -17.30 -20.34 -1.77
N GLN D 247 -17.75 -19.45 -0.87
CA GLN D 247 -18.34 -19.95 0.39
C GLN D 247 -19.81 -19.78 0.54
N ILE D 248 -20.34 -20.55 1.46
CA ILE D 248 -21.72 -20.48 1.88
C ILE D 248 -21.75 -20.20 3.36
N LEU D 249 -22.53 -19.24 3.79
CA LEU D 249 -22.77 -19.09 5.23
C LEU D 249 -24.21 -19.40 5.49
N ASP D 250 -24.49 -20.42 6.34
CA ASP D 250 -25.84 -20.83 6.62
C ASP D 250 -26.31 -20.07 7.86
N VAL D 251 -27.46 -19.44 7.73
CA VAL D 251 -28.11 -18.65 8.74
C VAL D 251 -29.47 -19.25 9.10
N ASN D 252 -29.44 -20.12 10.09
CA ASN D 252 -30.54 -21.05 10.36
C ASN D 252 -30.77 -21.42 11.84
N GLY D 253 -30.17 -20.73 12.79
CA GLY D 253 -30.38 -21.04 14.21
C GLY D 253 -29.93 -22.43 14.62
N GLY D 254 -28.96 -22.97 13.91
CA GLY D 254 -28.47 -24.30 14.17
C GLY D 254 -29.22 -25.43 13.46
N GLN D 255 -30.21 -25.12 12.62
CA GLN D 255 -31.10 -26.14 11.99
C GLN D 255 -30.36 -27.17 11.17
N ILE D 256 -29.32 -26.75 10.48
CA ILE D 256 -28.33 -27.64 9.94
C ILE D 256 -26.92 -27.07 10.17
N CYS D 257 -26.01 -27.94 10.56
CA CYS D 257 -24.64 -27.60 10.82
C CYS D 257 -23.69 -28.34 9.87
N PRO D 258 -23.58 -27.88 8.61
CA PRO D 258 -22.94 -28.63 7.51
C PRO D 258 -21.56 -29.17 7.85
#